data_6ZW0
#
_entry.id   6ZW0
#
_cell.length_a   72.242
_cell.length_b   98.500
_cell.length_c   109.528
_cell.angle_alpha   90.000
_cell.angle_beta   90.000
_cell.angle_gamma   90.000
#
_symmetry.space_group_name_H-M   'P 21 21 21'
#
loop_
_entity.id
_entity.type
_entity.pdbx_description
1 polymer 'Connectase MJ0548'
2 polymer 'Tetrahydromethanopterin S-methyltransferase subunit A'
3 non-polymer '2-[3,6-bis(oxidanyl)-9~{H}-xanthen-9-yl]-5-[(6-oxidanyl-6-oxidanylidene-hexyl)carbamothioylamino]benzoic acid'
#
loop_
_entity_poly.entity_id
_entity_poly.type
_entity_poly.pdbx_seq_one_letter_code
_entity_poly.pdbx_strand_id
1 'polypeptide(L)'
;ALIICYYGKNGAVIGGDRRQIFFRGSEENRKILEEKLYSGEIKSEEELYKLAEKLNIKIIIEDDREKVRKISDSVVCGEV
RSLGIDAKRRRVYATKGKCAIVDILNDTVTNQTIKEGFGIVVLGNRFLKKKAEEELKRTAKLFPMMPIQQIEDAIKEIFE
KLKWHPTVSKEYDIYSVNKYEKNFEEVIKKDIESLFKYREQLRKQLIDFGKVMSIVNKIVKNGEIGVIKDGKLHLYDDYI
AIDKIDPNPKVFKVVDVEGNFKDGDIVVIENGDMKIKGTNEKVTTKYIIIHKGSHHHHHH
;
A,B
2 'polypeptide(L)' EDIGKITQAIKECLSKDPGAIDEDPFIIEL C,D
#
loop_
_chem_comp.id
_chem_comp.type
_chem_comp.name
_chem_comp.formula
QRE non-polymer '2-[3,6-bis(oxidanyl)-9~{H}-xanthen-9-yl]-5-[(6-oxidanyl-6-oxidanylidene-hexyl)carbamothioylamino]benzoic acid' 'C27 H26 N2 O7 S'
#
# COMPACT_ATOMS: atom_id res chain seq x y z
N ALA A 1 -20.51 -6.46 13.80
CA ALA A 1 -19.85 -7.44 14.72
C ALA A 1 -20.68 -7.61 15.98
N LEU A 2 -20.59 -8.80 16.57
CA LEU A 2 -21.30 -9.10 17.82
C LEU A 2 -20.52 -10.12 18.62
N ILE A 3 -20.21 -9.76 19.86
CA ILE A 3 -19.56 -10.68 20.78
C ILE A 3 -20.33 -10.70 22.08
N ILE A 4 -20.68 -11.90 22.53
CA ILE A 4 -21.37 -12.09 23.79
C ILE A 4 -20.52 -13.02 24.64
N CYS A 5 -20.17 -12.56 25.84
CA CYS A 5 -19.33 -13.34 26.74
C CYS A 5 -19.95 -13.49 28.11
N TYR A 6 -19.91 -14.70 28.65
CA TYR A 6 -20.32 -14.96 30.03
C TYR A 6 -19.11 -15.43 30.83
N TYR A 7 -19.05 -15.03 32.10
CA TYR A 7 -18.03 -15.48 33.04
C TYR A 7 -18.66 -15.78 34.39
N GLY A 8 -18.15 -16.82 35.05
CA GLY A 8 -18.64 -17.25 36.36
C GLY A 8 -17.75 -18.35 36.91
N LYS A 9 -18.11 -18.91 38.05
CA LYS A 9 -17.35 -20.02 38.63
C LYS A 9 -17.57 -21.31 37.82
N ASN A 10 -18.74 -21.43 37.20
CA ASN A 10 -19.02 -22.57 36.31
C ASN A 10 -18.16 -22.58 35.03
N GLY A 11 -17.68 -21.41 34.63
CA GLY A 11 -16.73 -21.30 33.54
C GLY A 11 -16.89 -20.01 32.75
N ALA A 12 -16.14 -19.88 31.67
CA ALA A 12 -16.30 -18.77 30.75
C ALA A 12 -16.79 -19.30 29.42
N VAL A 13 -17.73 -18.59 28.80
CA VAL A 13 -18.20 -18.90 27.46
C VAL A 13 -18.24 -17.62 26.66
N ILE A 14 -17.85 -17.68 25.39
CA ILE A 14 -17.83 -16.50 24.53
C ILE A 14 -18.18 -16.86 23.09
N GLY A 15 -19.17 -16.15 22.55
CA GLY A 15 -19.63 -16.35 21.18
C GLY A 15 -19.40 -15.10 20.37
N GLY A 16 -19.01 -15.28 19.12
CA GLY A 16 -18.75 -14.13 18.24
C GLY A 16 -19.00 -14.48 16.78
N ASP A 17 -19.52 -13.51 16.04
CA ASP A 17 -19.73 -13.68 14.60
C ASP A 17 -18.43 -13.34 13.87
N ARG A 18 -18.47 -13.30 12.55
CA ARG A 18 -17.27 -13.11 11.73
C ARG A 18 -17.36 -11.93 10.77
N ARG A 19 -18.44 -11.16 10.86
CA ARG A 19 -18.72 -10.11 9.87
C ARG A 19 -17.89 -8.86 10.10
N GLN A 20 -17.20 -8.43 9.04
CA GLN A 20 -16.53 -7.13 9.00
C GLN A 20 -17.00 -6.41 7.76
N ILE A 21 -17.42 -5.16 7.90
CA ILE A 21 -17.91 -4.36 6.79
C ILE A 21 -16.97 -3.17 6.57
N PHE A 22 -16.40 -3.09 5.36
CA PHE A 22 -15.53 -1.98 4.99
C PHE A 22 -16.31 -0.97 4.14
N PHE A 23 -16.07 0.32 4.37
CA PHE A 23 -16.65 1.38 3.56
C PHE A 23 -15.56 2.09 2.77
N ARG A 24 -15.89 2.48 1.54
CA ARG A 24 -14.99 3.29 0.73
C ARG A 24 -15.80 4.41 0.04
N GLY A 25 -15.70 5.62 0.59
CA GLY A 25 -16.43 6.76 0.07
C GLY A 25 -16.07 8.06 0.77
N SER A 26 -16.94 9.06 0.62
CA SER A 26 -16.72 10.38 1.21
C SER A 26 -17.05 10.38 2.71
N GLU A 27 -16.67 11.45 3.40
CA GLU A 27 -16.85 11.54 4.85
C GLU A 27 -18.30 11.61 5.29
N GLU A 28 -19.08 12.50 4.65
CA GLU A 28 -20.49 12.68 5.01
C GLU A 28 -21.28 11.41 4.74
N ASN A 29 -21.16 10.86 3.53
CA ASN A 29 -21.87 9.64 3.15
C ASN A 29 -21.46 8.42 3.98
N ARG A 30 -20.20 8.38 4.39
CA ARG A 30 -19.72 7.35 5.31
C ARG A 30 -20.45 7.46 6.64
N LYS A 31 -20.56 8.68 7.15
CA LYS A 31 -21.24 8.94 8.42
C LYS A 31 -22.75 8.77 8.32
N ILE A 32 -23.33 9.12 7.18
CA ILE A 32 -24.78 9.04 6.97
C ILE A 32 -25.24 7.58 6.94
N LEU A 33 -24.53 6.75 6.17
CA LEU A 33 -24.84 5.31 6.10
C LEU A 33 -24.47 4.63 7.41
N GLU A 34 -23.35 5.05 7.99
CA GLU A 34 -22.89 4.55 9.29
C GLU A 34 -23.98 4.61 10.36
N GLU A 35 -24.70 5.74 10.44
CA GLU A 35 -25.78 5.89 11.41
C GLU A 35 -27.02 5.11 10.99
N LYS A 36 -27.37 5.15 9.71
CA LYS A 36 -28.56 4.47 9.19
C LYS A 36 -28.49 2.96 9.36
N LEU A 37 -27.28 2.41 9.34
CA LEU A 37 -27.05 0.99 9.59
C LEU A 37 -27.31 0.62 11.05
N TYR A 38 -26.84 1.46 11.97
CA TYR A 38 -27.06 1.24 13.41
C TYR A 38 -28.38 1.82 13.91
N SER A 39 -29.10 2.58 13.07
CA SER A 39 -30.40 3.14 13.45
C SER A 39 -31.48 2.06 13.60
N GLY A 40 -31.29 0.93 12.93
CA GLY A 40 -32.22 -0.18 12.99
C GLY A 40 -33.22 -0.18 11.84
N GLU A 41 -33.24 0.90 11.07
CA GLU A 41 -34.15 1.01 9.92
C GLU A 41 -33.70 0.15 8.75
N ILE A 42 -32.39 -0.09 8.64
CA ILE A 42 -31.86 -1.01 7.62
C ILE A 42 -32.16 -2.46 8.03
N LYS A 43 -32.98 -3.12 7.21
CA LYS A 43 -33.53 -4.44 7.53
C LYS A 43 -32.51 -5.55 7.31
N SER A 44 -32.04 -5.66 6.07
CA SER A 44 -31.21 -6.78 5.64
C SER A 44 -30.11 -6.30 4.69
N GLU A 45 -29.38 -7.24 4.11
CA GLU A 45 -28.27 -6.92 3.20
C GLU A 45 -28.73 -6.30 1.88
N GLU A 46 -29.98 -6.55 1.48
CA GLU A 46 -30.50 -5.98 0.24
C GLU A 46 -30.58 -4.46 0.29
N GLU A 47 -31.18 -3.94 1.36
CA GLU A 47 -31.32 -2.49 1.54
C GLU A 47 -30.00 -1.81 1.89
N LEU A 48 -29.03 -2.57 2.40
CA LEU A 48 -27.71 -2.03 2.68
C LEU A 48 -26.99 -1.65 1.39
N TYR A 49 -26.76 -2.62 0.52
CA TYR A 49 -26.12 -2.36 -0.78
C TYR A 49 -26.92 -1.33 -1.59
N LYS A 50 -28.24 -1.51 -1.62
CA LYS A 50 -29.14 -0.64 -2.38
C LYS A 50 -29.10 0.81 -1.91
N LEU A 51 -29.07 1.02 -0.60
CA LEU A 51 -28.94 2.37 -0.04
C LEU A 51 -27.52 2.89 -0.21
N ALA A 52 -26.53 2.02 -0.03
CA ALA A 52 -25.13 2.38 -0.27
C ALA A 52 -24.88 2.74 -1.72
N GLU A 53 -25.58 2.05 -2.63
CA GLU A 53 -25.52 2.34 -4.06
C GLU A 53 -26.10 3.72 -4.37
N LYS A 54 -27.20 4.07 -3.71
CA LYS A 54 -27.83 5.38 -3.86
C LYS A 54 -26.91 6.51 -3.38
N LEU A 55 -26.14 6.23 -2.32
CA LEU A 55 -25.17 7.20 -1.78
C LEU A 55 -23.80 7.13 -2.47
N ASN A 56 -23.71 6.41 -3.60
CA ASN A 56 -22.46 6.28 -4.36
C ASN A 56 -21.26 5.94 -3.46
N ILE A 57 -21.45 4.93 -2.63
CA ILE A 57 -20.42 4.48 -1.69
C ILE A 57 -20.39 2.96 -1.69
N LYS A 58 -19.20 2.38 -1.89
CA LYS A 58 -19.07 0.93 -1.96
C LYS A 58 -18.80 0.35 -0.58
N ILE A 59 -19.51 -0.74 -0.28
CA ILE A 59 -19.29 -1.48 0.97
C ILE A 59 -18.86 -2.91 0.63
N ILE A 60 -17.97 -3.46 1.45
CA ILE A 60 -17.41 -4.79 1.24
C ILE A 60 -17.56 -5.63 2.52
N ILE A 61 -18.52 -6.55 2.51
CA ILE A 61 -18.73 -7.46 3.64
C ILE A 61 -17.75 -8.63 3.56
N GLU A 62 -17.13 -8.97 4.70
CA GLU A 62 -16.21 -10.10 4.80
C GLU A 62 -16.47 -10.89 6.08
N ASP A 63 -17.05 -12.09 5.91
CA ASP A 63 -17.38 -12.95 7.04
C ASP A 63 -16.35 -14.08 7.19
N ASP A 64 -15.14 -13.85 6.69
CA ASP A 64 -14.17 -14.94 6.53
C ASP A 64 -13.18 -15.10 7.68
N ARG A 65 -13.35 -14.35 8.78
CA ARG A 65 -12.40 -14.43 9.90
C ARG A 65 -13.05 -14.33 11.29
N GLU A 66 -12.57 -15.19 12.19
CA GLU A 66 -13.17 -15.36 13.51
C GLU A 66 -12.82 -14.19 14.39
N LYS A 67 -13.79 -13.74 15.18
CA LYS A 67 -13.57 -12.67 16.15
C LYS A 67 -13.17 -13.20 17.52
N VAL A 68 -13.28 -14.52 17.72
CA VAL A 68 -13.05 -15.11 19.04
C VAL A 68 -12.01 -16.22 19.02
N ARG A 69 -11.21 -16.27 20.08
CA ARG A 69 -10.10 -17.22 20.18
C ARG A 69 -10.13 -17.92 21.54
N LYS A 70 -9.59 -19.14 21.55
CA LYS A 70 -9.42 -19.92 22.76
C LYS A 70 -7.93 -19.99 23.00
N ILE A 71 -7.42 -19.04 23.76
CA ILE A 71 -5.98 -18.91 23.99
C ILE A 71 -5.41 -20.15 24.65
N SER A 72 -6.16 -20.72 25.58
CA SER A 72 -5.72 -21.90 26.29
C SER A 72 -6.93 -22.65 26.82
N ASP A 73 -6.67 -23.65 27.66
CA ASP A 73 -7.74 -24.35 28.36
C ASP A 73 -8.29 -23.49 29.51
N SER A 74 -7.62 -22.37 29.82
CA SER A 74 -8.03 -21.45 30.88
C SER A 74 -8.64 -20.14 30.39
N VAL A 75 -8.22 -19.66 29.22
CA VAL A 75 -8.60 -18.33 28.75
C VAL A 75 -9.22 -18.32 27.35
N VAL A 76 -10.21 -17.45 27.18
CA VAL A 76 -10.83 -17.21 25.89
C VAL A 76 -10.90 -15.71 25.64
N CYS A 77 -10.76 -15.30 24.38
CA CYS A 77 -10.72 -13.89 24.02
C CYS A 77 -11.66 -13.60 22.86
N GLY A 78 -12.22 -12.41 22.83
CA GLY A 78 -13.06 -11.96 21.72
C GLY A 78 -12.76 -10.51 21.39
N GLU A 79 -12.54 -10.20 20.12
CA GLU A 79 -12.12 -8.86 19.71
C GLU A 79 -13.08 -8.21 18.72
N VAL A 80 -13.33 -6.93 18.92
CA VAL A 80 -14.00 -6.08 17.95
C VAL A 80 -13.05 -4.97 17.57
N ARG A 81 -13.02 -4.62 16.28
CA ARG A 81 -12.13 -3.60 15.78
C ARG A 81 -12.92 -2.58 14.99
N SER A 82 -12.46 -1.34 15.03
CA SER A 82 -13.04 -0.27 14.22
C SER A 82 -11.89 0.55 13.67
N LEU A 83 -11.66 0.44 12.37
CA LEU A 83 -10.51 1.08 11.73
C LEU A 83 -10.94 2.29 10.91
N GLY A 84 -10.13 3.34 10.98
CA GLY A 84 -10.38 4.56 10.22
C GLY A 84 -9.12 5.41 10.26
N ILE A 85 -9.23 6.61 10.83
CA ILE A 85 -8.06 7.46 11.05
C ILE A 85 -7.17 6.70 12.02
N ASP A 86 -7.77 6.26 13.12
CA ASP A 86 -7.10 5.44 14.12
C ASP A 86 -7.60 4.00 14.05
N ALA A 87 -6.87 3.11 14.71
CA ALA A 87 -7.19 1.68 14.75
C ALA A 87 -7.71 1.31 16.14
N LYS A 88 -8.98 1.58 16.37
CA LYS A 88 -9.61 1.36 17.68
C LYS A 88 -10.08 -0.10 17.83
N ARG A 89 -9.79 -0.68 18.99
CA ARG A 89 -10.17 -2.07 19.29
C ARG A 89 -10.87 -2.17 20.64
N ARG A 90 -11.71 -3.20 20.77
CA ARG A 90 -12.33 -3.54 22.03
C ARG A 90 -12.29 -5.06 22.20
N ARG A 91 -11.45 -5.54 23.11
CA ARG A 91 -11.33 -6.97 23.40
C ARG A 91 -12.02 -7.32 24.70
N VAL A 92 -12.46 -8.56 24.79
CA VAL A 92 -12.97 -9.11 26.04
C VAL A 92 -12.32 -10.47 26.28
N TYR A 93 -11.64 -10.59 27.42
CA TYR A 93 -11.00 -11.84 27.83
C TYR A 93 -11.83 -12.44 28.94
N ALA A 94 -11.80 -13.76 29.08
CA ALA A 94 -12.59 -14.44 30.09
C ALA A 94 -11.98 -15.75 30.55
N THR A 95 -12.30 -16.11 31.79
CA THR A 95 -11.82 -17.34 32.40
C THR A 95 -12.74 -17.71 33.55
N LYS A 96 -12.40 -18.77 34.28
CA LYS A 96 -13.23 -19.26 35.37
C LYS A 96 -13.29 -18.24 36.51
N GLY A 97 -14.40 -17.49 36.55
CA GLY A 97 -14.64 -16.52 37.62
C GLY A 97 -14.23 -15.09 37.30
N LYS A 98 -13.31 -14.91 36.35
CA LYS A 98 -12.81 -13.59 36.01
C LYS A 98 -13.12 -13.21 34.56
N CYS A 99 -13.07 -11.91 34.30
CA CYS A 99 -13.32 -11.33 32.97
C CYS A 99 -12.54 -10.03 32.84
N ALA A 100 -12.00 -9.77 31.66
CA ALA A 100 -11.23 -8.55 31.42
C ALA A 100 -11.70 -7.85 30.16
N ILE A 101 -12.16 -6.61 30.31
CA ILE A 101 -12.52 -5.77 29.17
C ILE A 101 -11.36 -4.81 28.90
N VAL A 102 -10.74 -4.94 27.73
CA VAL A 102 -9.58 -4.13 27.36
C VAL A 102 -9.94 -3.17 26.22
N ASP A 103 -9.42 -1.94 26.30
CA ASP A 103 -9.63 -0.94 25.27
C ASP A 103 -8.32 -0.48 24.70
N ILE A 104 -8.13 -0.69 23.41
CA ILE A 104 -6.88 -0.34 22.73
C ILE A 104 -7.12 0.74 21.70
N LEU A 105 -6.25 1.74 21.71
CA LEU A 105 -6.17 2.72 20.64
C LEU A 105 -4.77 2.61 20.02
N ASN A 106 -4.72 2.21 18.76
CA ASN A 106 -3.45 2.05 18.04
C ASN A 106 -2.49 1.10 18.76
N ASP A 107 -1.40 1.61 19.33
CA ASP A 107 -0.41 0.77 20.01
C ASP A 107 -0.41 0.99 21.53
N THR A 108 -1.57 1.34 22.09
CA THR A 108 -1.68 1.65 23.51
C THR A 108 -2.95 1.03 24.08
N VAL A 109 -2.88 0.62 25.35
CA VAL A 109 -4.05 0.16 26.08
C VAL A 109 -4.61 1.34 26.87
N THR A 110 -5.72 1.90 26.39
CA THR A 110 -6.37 3.02 27.07
C THR A 110 -6.98 2.58 28.42
N ASN A 111 -7.87 1.60 28.39
CA ASN A 111 -8.52 1.06 29.59
C ASN A 111 -8.35 -0.45 29.72
N GLN A 112 -8.27 -0.93 30.97
CA GLN A 112 -8.29 -2.36 31.24
C GLN A 112 -9.00 -2.65 32.56
N THR A 113 -10.27 -3.06 32.47
CA THR A 113 -11.06 -3.39 33.64
C THR A 113 -11.13 -4.91 33.79
N ILE A 114 -10.76 -5.40 34.97
CA ILE A 114 -10.88 -6.81 35.32
C ILE A 114 -11.95 -6.96 36.39
N LYS A 115 -12.71 -8.05 36.32
CA LYS A 115 -13.81 -8.31 37.25
C LYS A 115 -13.80 -9.75 37.76
N GLU A 116 -14.08 -9.91 39.05
CA GLU A 116 -14.27 -11.22 39.65
C GLU A 116 -15.73 -11.42 40.00
N GLY A 117 -16.30 -12.54 39.58
CA GLY A 117 -17.67 -12.88 39.93
C GLY A 117 -18.42 -13.50 38.78
N PHE A 118 -19.68 -13.08 38.62
CA PHE A 118 -20.56 -13.58 37.58
C PHE A 118 -21.05 -12.40 36.77
N GLY A 119 -21.03 -12.54 35.45
CA GLY A 119 -21.55 -11.47 34.59
C GLY A 119 -21.55 -11.75 33.11
N ILE A 120 -22.10 -10.82 32.36
CA ILE A 120 -22.14 -10.90 30.90
C ILE A 120 -21.69 -9.59 30.27
N VAL A 121 -20.84 -9.70 29.26
CA VAL A 121 -20.35 -8.55 28.51
C VAL A 121 -20.72 -8.73 27.05
N VAL A 122 -21.21 -7.67 26.42
CA VAL A 122 -21.58 -7.69 25.02
C VAL A 122 -20.86 -6.57 24.29
N LEU A 123 -20.18 -6.92 23.20
CA LEU A 123 -19.50 -5.94 22.36
C LEU A 123 -20.17 -5.89 21.00
N GLY A 124 -20.32 -4.68 20.46
CA GLY A 124 -20.93 -4.48 19.15
C GLY A 124 -21.38 -3.04 18.96
N ASN A 125 -22.21 -2.82 17.94
CA ASN A 125 -22.79 -1.50 17.70
C ASN A 125 -23.97 -1.25 18.63
N ARG A 126 -24.48 -0.01 18.63
CA ARG A 126 -25.54 0.38 19.57
C ARG A 126 -26.85 -0.40 19.39
N PHE A 127 -27.16 -0.76 18.15
CA PHE A 127 -28.40 -1.48 17.85
C PHE A 127 -28.40 -2.90 18.40
N LEU A 128 -27.30 -3.62 18.20
CA LEU A 128 -27.18 -5.00 18.63
C LEU A 128 -27.13 -5.12 20.16
N LYS A 129 -26.36 -4.23 20.79
CA LYS A 129 -26.27 -4.21 22.25
C LYS A 129 -27.63 -3.92 22.89
N LYS A 130 -28.40 -3.03 22.27
CA LYS A 130 -29.77 -2.76 22.71
C LYS A 130 -30.63 -4.02 22.59
N LYS A 131 -30.53 -4.71 21.47
CA LYS A 131 -31.32 -5.91 21.21
C LYS A 131 -30.86 -7.09 22.07
N ALA A 132 -29.54 -7.26 22.19
CA ALA A 132 -28.98 -8.37 22.97
C ALA A 132 -29.34 -8.25 24.45
N GLU A 133 -29.28 -7.03 24.98
CA GLU A 133 -29.69 -6.77 26.36
C GLU A 133 -31.08 -7.31 26.64
N GLU A 134 -32.02 -7.00 25.76
CA GLU A 134 -33.43 -7.35 25.96
C GLU A 134 -33.71 -8.85 25.83
N GLU A 135 -32.78 -9.61 25.27
CA GLU A 135 -32.84 -11.07 25.30
C GLU A 135 -32.27 -11.59 26.61
N LEU A 136 -31.14 -11.02 27.02
CA LEU A 136 -30.43 -11.47 28.21
C LEU A 136 -31.12 -11.07 29.51
N LYS A 137 -31.67 -9.86 29.55
CA LYS A 137 -32.27 -9.31 30.78
C LYS A 137 -33.14 -10.33 31.53
N ARG A 138 -33.82 -11.21 30.79
CA ARG A 138 -34.62 -12.27 31.38
C ARG A 138 -33.77 -13.49 31.71
N THR A 139 -33.13 -14.03 30.70
CA THR A 139 -32.48 -15.34 30.78
C THR A 139 -31.11 -15.35 31.48
N ALA A 140 -30.52 -14.17 31.68
CA ALA A 140 -29.16 -14.06 32.21
C ALA A 140 -29.00 -14.64 33.62
N LYS A 141 -29.97 -14.40 34.48
CA LYS A 141 -29.88 -14.85 35.88
C LYS A 141 -29.90 -16.37 36.08
N LEU A 142 -30.28 -17.11 35.05
CA LEU A 142 -30.22 -18.57 35.07
C LEU A 142 -28.84 -19.11 34.70
N PHE A 143 -27.95 -18.25 34.21
CA PHE A 143 -26.62 -18.66 33.75
C PHE A 143 -25.73 -19.21 34.86
N PRO A 144 -25.60 -18.47 35.99
CA PRO A 144 -24.68 -18.88 37.06
C PRO A 144 -24.81 -20.33 37.56
N MET A 145 -26.01 -20.90 37.49
CA MET A 145 -26.25 -22.26 37.96
C MET A 145 -26.30 -23.31 36.84
N MET A 146 -26.23 -22.86 35.59
CA MET A 146 -26.25 -23.77 34.44
C MET A 146 -24.88 -24.44 34.22
N PRO A 147 -24.86 -25.53 33.43
CA PRO A 147 -23.60 -26.06 32.92
C PRO A 147 -23.10 -25.19 31.77
N ILE A 148 -21.86 -25.41 31.37
CA ILE A 148 -21.26 -24.67 30.26
C ILE A 148 -22.05 -24.90 28.97
N GLN A 149 -22.27 -26.16 28.63
CA GLN A 149 -22.94 -26.50 27.38
C GLN A 149 -24.24 -25.74 27.21
N GLN A 150 -25.05 -25.70 28.27
CA GLN A 150 -26.35 -25.05 28.22
C GLN A 150 -26.23 -23.54 27.99
N ILE A 151 -25.17 -22.94 28.51
CA ILE A 151 -24.89 -21.52 28.28
C ILE A 151 -24.46 -21.27 26.83
N GLU A 152 -23.53 -22.09 26.33
CA GLU A 152 -23.14 -22.06 24.93
C GLU A 152 -24.39 -22.07 24.05
N ASP A 153 -25.29 -23.00 24.33
CA ASP A 153 -26.54 -23.11 23.59
C ASP A 153 -27.39 -21.85 23.78
N ALA A 154 -27.54 -21.42 25.02
CA ALA A 154 -28.31 -20.21 25.33
C ALA A 154 -27.83 -19.04 24.49
N ILE A 155 -26.52 -18.94 24.33
CA ILE A 155 -25.90 -17.93 23.48
C ILE A 155 -26.15 -18.19 21.99
N LYS A 156 -26.05 -19.46 21.57
CA LYS A 156 -26.37 -19.84 20.19
C LYS A 156 -27.76 -19.34 19.78
N GLU A 157 -28.74 -19.47 20.67
CA GLU A 157 -30.10 -19.01 20.40
C GLU A 157 -30.14 -17.50 20.18
N ILE A 158 -29.36 -16.76 20.97
CA ILE A 158 -29.28 -15.31 20.86
C ILE A 158 -28.72 -14.89 19.50
N PHE A 159 -27.69 -15.60 19.04
CA PHE A 159 -27.12 -15.34 17.71
C PHE A 159 -28.10 -15.66 16.58
N GLU A 160 -28.81 -16.79 16.70
CA GLU A 160 -29.85 -17.15 15.74
C GLU A 160 -31.00 -16.14 15.73
N LYS A 161 -31.29 -15.58 16.91
CA LYS A 161 -32.35 -14.58 17.07
C LYS A 161 -31.99 -13.26 16.39
N LEU A 162 -30.69 -12.96 16.30
CA LEU A 162 -30.21 -11.65 15.82
C LEU A 162 -29.53 -11.67 14.46
N LYS A 163 -29.06 -12.83 13.99
CA LYS A 163 -28.19 -12.88 12.81
C LYS A 163 -28.79 -12.33 11.51
N TRP A 164 -30.13 -12.29 11.44
CA TRP A 164 -30.83 -11.65 10.32
C TRP A 164 -30.30 -10.25 9.97
N HIS A 165 -29.86 -9.50 10.97
CA HIS A 165 -29.34 -8.14 10.78
C HIS A 165 -28.04 -8.15 9.95
N PRO A 166 -27.87 -7.17 9.04
CA PRO A 166 -26.70 -7.14 8.16
C PRO A 166 -25.37 -6.72 8.81
N THR A 167 -25.37 -6.39 10.10
CA THR A 167 -24.12 -6.17 10.85
C THR A 167 -23.62 -7.45 11.51
N VAL A 168 -24.27 -8.57 11.19
CA VAL A 168 -23.93 -9.86 11.78
C VAL A 168 -23.92 -10.92 10.69
N SER A 169 -22.87 -11.73 10.65
CA SER A 169 -22.77 -12.83 9.69
C SER A 169 -23.73 -13.94 10.09
N LYS A 170 -24.10 -14.77 9.12
CA LYS A 170 -25.06 -15.84 9.35
C LYS A 170 -24.42 -17.07 10.04
N GLU A 171 -23.09 -17.08 10.15
CA GLU A 171 -22.35 -18.12 10.86
C GLU A 171 -21.53 -17.50 12.00
N TYR A 172 -21.28 -18.28 13.05
CA TYR A 172 -20.61 -17.77 14.24
C TYR A 172 -19.83 -18.86 15.00
N ASP A 173 -18.83 -18.43 15.76
CA ASP A 173 -17.97 -19.34 16.53
C ASP A 173 -18.26 -19.20 18.02
N ILE A 174 -18.13 -20.30 18.76
CA ILE A 174 -18.28 -20.30 20.21
C ILE A 174 -17.21 -21.18 20.87
N TYR A 175 -16.53 -20.63 21.87
CA TYR A 175 -15.50 -21.35 22.62
C TYR A 175 -15.73 -21.15 24.12
N SER A 176 -15.46 -22.20 24.90
CA SER A 176 -15.67 -22.16 26.35
C SER A 176 -14.57 -22.86 27.12
N VAL A 177 -14.46 -22.53 28.42
CA VAL A 177 -13.47 -23.12 29.31
C VAL A 177 -14.04 -23.22 30.73
N ASN A 178 -13.52 -24.16 31.52
CA ASN A 178 -13.89 -24.28 32.94
C ASN A 178 -12.69 -24.40 33.87
N LYS A 179 -11.52 -23.92 33.42
CA LYS A 179 -10.32 -23.89 34.26
C LYS A 179 -9.99 -22.46 34.64
N TYR A 180 -9.44 -22.29 35.84
CA TYR A 180 -9.03 -20.98 36.34
C TYR A 180 -7.60 -20.69 35.91
N GLU A 181 -7.36 -19.49 35.41
CA GLU A 181 -6.02 -19.03 35.05
C GLU A 181 -5.36 -18.30 36.21
N LYS A 182 -4.25 -18.86 36.69
CA LYS A 182 -3.56 -18.32 37.87
C LYS A 182 -3.01 -16.91 37.60
N ASN A 183 -2.35 -16.76 36.45
CA ASN A 183 -1.76 -15.48 36.06
C ASN A 183 -2.58 -14.80 34.98
N PHE A 184 -3.84 -14.51 35.28
CA PHE A 184 -4.76 -13.95 34.29
C PHE A 184 -4.27 -12.63 33.69
N GLU A 185 -3.67 -11.78 34.50
CA GLU A 185 -3.17 -10.49 34.00
C GLU A 185 -1.99 -10.67 33.06
N GLU A 186 -1.08 -11.59 33.39
CA GLU A 186 0.11 -11.83 32.58
C GLU A 186 -0.24 -12.41 31.22
N VAL A 187 -1.18 -13.36 31.21
CA VAL A 187 -1.64 -13.95 29.96
C VAL A 187 -2.15 -12.89 28.99
N ILE A 188 -2.96 -11.97 29.51
CA ILE A 188 -3.52 -10.89 28.70
C ILE A 188 -2.43 -9.94 28.21
N LYS A 189 -1.52 -9.57 29.11
CA LYS A 189 -0.43 -8.68 28.73
C LYS A 189 0.41 -9.29 27.62
N LYS A 190 0.61 -10.61 27.66
CA LYS A 190 1.42 -11.30 26.65
C LYS A 190 0.70 -11.44 25.31
N ASP A 191 -0.62 -11.68 25.36
CA ASP A 191 -1.42 -11.77 24.14
C ASP A 191 -1.46 -10.42 23.43
N ILE A 192 -1.63 -9.35 24.21
CA ILE A 192 -1.65 -8.00 23.67
C ILE A 192 -0.27 -7.62 23.09
N GLU A 193 0.80 -7.97 23.79
CA GLU A 193 2.14 -7.66 23.31
C GLU A 193 2.39 -8.18 21.88
N SER A 194 1.79 -9.32 21.56
CA SER A 194 1.88 -9.89 20.22
C SER A 194 1.29 -8.97 19.16
N LEU A 195 0.16 -8.34 19.48
CA LEU A 195 -0.47 -7.38 18.56
C LEU A 195 0.49 -6.23 18.24
N PHE A 196 1.12 -5.70 19.28
CA PHE A 196 2.03 -4.57 19.10
C PHE A 196 3.28 -4.97 18.32
N LYS A 197 3.74 -6.21 18.48
CA LYS A 197 4.83 -6.73 17.67
C LYS A 197 4.42 -6.86 16.20
N TYR A 198 3.18 -7.29 15.97
CA TYR A 198 2.66 -7.44 14.61
C TYR A 198 2.57 -6.07 13.92
N ARG A 199 2.07 -5.08 14.63
CA ARG A 199 2.00 -3.70 14.11
C ARG A 199 3.40 -3.12 13.86
N GLU A 200 4.36 -3.48 14.72
CA GLU A 200 5.74 -3.06 14.56
C GLU A 200 6.33 -3.69 13.31
N GLN A 201 6.17 -5.01 13.19
CA GLN A 201 6.60 -5.73 12.01
C GLN A 201 6.01 -5.12 10.75
N LEU A 202 4.71 -4.84 10.80
CA LEU A 202 4.00 -4.25 9.67
C LEU A 202 4.62 -2.92 9.26
N ARG A 203 4.96 -2.08 10.25
CA ARG A 203 5.61 -0.81 9.97
C ARG A 203 7.06 -0.99 9.51
N LYS A 204 7.76 -1.96 10.08
CA LYS A 204 9.15 -2.24 9.67
C LYS A 204 9.23 -2.76 8.23
N GLN A 205 8.29 -3.62 7.85
CA GLN A 205 8.24 -4.14 6.47
C GLN A 205 7.83 -3.04 5.49
N LEU A 206 6.94 -2.15 5.94
CA LEU A 206 6.45 -1.05 5.11
C LEU A 206 7.56 -0.03 4.85
N ILE A 207 8.39 0.21 5.86
CA ILE A 207 9.56 1.06 5.72
C ILE A 207 10.57 0.43 4.77
N ASP A 208 10.82 -0.85 4.93
CA ASP A 208 11.78 -1.59 4.11
C ASP A 208 11.31 -1.76 2.66
N PHE A 209 10.00 -1.80 2.45
CA PHE A 209 9.46 -1.82 1.10
C PHE A 209 9.86 -0.55 0.34
N GLY A 210 9.49 0.61 0.88
CA GLY A 210 9.85 1.89 0.27
C GLY A 210 11.35 2.02 0.12
N LYS A 211 12.08 1.54 1.13
CA LYS A 211 13.54 1.60 1.12
C LYS A 211 14.13 0.83 -0.07
N VAL A 212 13.50 -0.29 -0.42
CA VAL A 212 13.89 -1.07 -1.61
C VAL A 212 13.48 -0.34 -2.89
N MET A 213 12.27 0.20 -2.90
CA MET A 213 11.75 0.87 -4.09
C MET A 213 12.54 2.14 -4.42
N SER A 214 12.98 2.85 -3.38
CA SER A 214 13.85 4.01 -3.56
C SER A 214 15.08 3.59 -4.35
N ILE A 215 15.73 2.52 -3.91
CA ILE A 215 16.92 1.99 -4.58
C ILE A 215 16.65 1.68 -6.05
N VAL A 216 15.52 1.04 -6.33
CA VAL A 216 15.15 0.73 -7.71
C VAL A 216 15.05 2.00 -8.55
N ASN A 217 14.47 3.04 -7.97
CA ASN A 217 14.37 4.34 -8.65
C ASN A 217 15.71 5.04 -8.84
N LYS A 218 16.68 4.72 -7.97
CA LYS A 218 18.03 5.28 -8.07
C LYS A 218 18.95 4.56 -9.06
N ILE A 219 18.48 3.48 -9.69
CA ILE A 219 19.27 2.75 -10.68
C ILE A 219 19.56 3.65 -11.88
N VAL A 220 20.82 3.66 -12.31
CA VAL A 220 21.28 4.60 -13.32
C VAL A 220 20.87 4.17 -14.72
N LYS A 221 20.04 4.98 -15.38
CA LYS A 221 19.67 4.76 -16.76
C LYS A 221 20.72 5.40 -17.66
N ASN A 222 21.02 6.67 -17.37
CA ASN A 222 22.04 7.42 -18.09
C ASN A 222 22.90 8.22 -17.13
N GLY A 223 24.20 7.96 -17.12
CA GLY A 223 25.13 8.68 -16.24
C GLY A 223 26.59 8.46 -16.59
N GLU A 224 27.43 9.39 -16.14
CA GLU A 224 28.88 9.30 -16.27
C GLU A 224 29.45 8.80 -14.94
N ILE A 225 29.47 7.47 -14.79
CA ILE A 225 29.58 6.84 -13.47
C ILE A 225 30.98 6.82 -12.84
N GLY A 226 32.03 6.64 -13.63
CA GLY A 226 33.38 6.57 -13.07
C GLY A 226 34.52 6.44 -14.07
N VAL A 227 35.67 6.04 -13.56
CA VAL A 227 36.89 5.87 -14.35
C VAL A 227 37.60 4.59 -13.93
N ILE A 228 38.21 3.91 -14.89
CA ILE A 228 38.93 2.67 -14.62
C ILE A 228 40.33 2.99 -14.10
N LYS A 229 40.50 2.90 -12.78
CA LYS A 229 41.80 3.11 -12.13
C LYS A 229 42.43 1.77 -11.75
N ASP A 230 43.63 1.52 -12.27
CA ASP A 230 44.40 0.33 -11.93
C ASP A 230 43.68 -0.98 -12.29
N GLY A 231 42.96 -0.96 -13.41
CA GLY A 231 42.22 -2.14 -13.89
C GLY A 231 40.93 -2.42 -13.13
N LYS A 232 40.44 -1.44 -12.39
CA LYS A 232 39.19 -1.58 -11.62
C LYS A 232 38.36 -0.31 -11.78
N LEU A 233 37.04 -0.46 -11.80
CA LEU A 233 36.14 0.68 -11.93
C LEU A 233 36.04 1.45 -10.61
N HIS A 234 36.80 2.53 -10.51
CA HIS A 234 36.65 3.49 -9.41
C HIS A 234 35.46 4.37 -9.72
N LEU A 235 34.45 4.33 -8.85
CA LEU A 235 33.25 5.14 -9.02
C LEU A 235 33.47 6.52 -8.41
N TYR A 236 32.84 7.53 -9.00
CA TYR A 236 32.88 8.89 -8.46
C TYR A 236 32.20 8.94 -7.10
N ASP A 237 32.31 10.10 -6.44
CA ASP A 237 31.65 10.32 -5.16
C ASP A 237 30.12 10.43 -5.31
N ASP A 238 29.67 10.71 -6.54
CA ASP A 238 28.24 10.87 -6.84
C ASP A 238 27.50 9.52 -6.90
N TYR A 239 28.13 8.50 -7.49
CA TYR A 239 27.49 7.20 -7.70
C TYR A 239 28.07 6.10 -6.79
N ILE A 240 27.25 5.10 -6.49
CA ILE A 240 27.70 3.90 -5.76
C ILE A 240 27.11 2.63 -6.36
N ALA A 241 27.64 1.48 -5.94
CA ALA A 241 27.23 0.18 -6.45
C ALA A 241 26.73 -0.72 -5.35
N ILE A 242 25.82 -1.64 -5.69
CA ILE A 242 25.25 -2.58 -4.73
C ILE A 242 25.14 -3.98 -5.31
N ASP A 243 25.24 -4.98 -4.44
CA ASP A 243 25.25 -6.39 -4.85
C ASP A 243 23.85 -6.89 -5.24
N LYS A 244 22.85 -6.58 -4.42
CA LYS A 244 21.47 -7.01 -4.66
C LYS A 244 20.52 -5.82 -4.61
N ILE A 245 19.27 -6.07 -4.99
CA ILE A 245 18.18 -5.12 -4.77
C ILE A 245 17.61 -5.45 -3.39
N ASP A 246 18.31 -4.99 -2.36
CA ASP A 246 17.94 -5.26 -0.98
C ASP A 246 17.53 -3.95 -0.31
N PRO A 247 16.91 -4.01 0.89
CA PRO A 247 16.64 -2.76 1.59
C PRO A 247 17.91 -2.12 2.16
N ASN A 248 18.80 -2.94 2.73
CA ASN A 248 20.09 -2.49 3.25
C ASN A 248 21.24 -3.22 2.55
N PRO A 249 21.54 -2.83 1.31
CA PRO A 249 22.55 -3.52 0.52
C PRO A 249 23.97 -3.10 0.88
N LYS A 250 24.94 -3.92 0.48
CA LYS A 250 26.35 -3.60 0.71
C LYS A 250 26.84 -2.62 -0.35
N VAL A 251 27.46 -1.53 0.12
CA VAL A 251 27.93 -0.46 -0.76
C VAL A 251 29.34 -0.75 -1.26
N PHE A 252 29.61 -0.39 -2.51
CA PHE A 252 30.92 -0.57 -3.13
C PHE A 252 31.34 0.70 -3.88
N LYS A 253 32.60 1.09 -3.72
CA LYS A 253 33.19 2.19 -4.48
C LYS A 253 34.02 1.68 -5.65
N VAL A 254 34.72 0.57 -5.44
CA VAL A 254 35.49 -0.10 -6.48
C VAL A 254 34.78 -1.41 -6.84
N VAL A 255 34.64 -1.67 -8.14
CA VAL A 255 33.83 -2.79 -8.63
C VAL A 255 34.57 -3.62 -9.68
N ASP A 256 34.35 -4.92 -9.66
CA ASP A 256 34.92 -5.83 -10.66
C ASP A 256 34.10 -5.75 -11.96
N VAL A 257 34.80 -5.57 -13.08
CA VAL A 257 34.16 -5.45 -14.39
C VAL A 257 34.87 -6.31 -15.44
N GLU A 258 34.11 -6.81 -16.41
CA GLU A 258 34.65 -7.63 -17.51
C GLU A 258 34.38 -7.00 -18.87
N GLY A 259 35.42 -6.90 -19.69
CA GLY A 259 35.30 -6.31 -21.03
C GLY A 259 36.65 -5.91 -21.60
N ASN A 260 36.62 -5.24 -22.75
CA ASN A 260 37.84 -4.77 -23.41
C ASN A 260 38.09 -3.30 -23.08
N PHE A 261 39.14 -3.05 -22.29
CA PHE A 261 39.44 -1.69 -21.82
C PHE A 261 40.86 -1.58 -21.23
N LYS A 262 41.26 -0.37 -20.86
CA LYS A 262 42.53 -0.12 -20.18
C LYS A 262 42.36 0.91 -19.05
N ASP A 263 43.47 1.25 -18.39
CA ASP A 263 43.45 2.23 -17.30
C ASP A 263 43.30 3.65 -17.84
N GLY A 264 42.48 4.45 -17.16
CA GLY A 264 42.25 5.86 -17.54
C GLY A 264 40.98 6.11 -18.33
N ASP A 265 40.31 5.05 -18.76
CA ASP A 265 39.11 5.17 -19.59
C ASP A 265 37.89 5.56 -18.76
N ILE A 266 37.02 6.38 -19.35
CA ILE A 266 35.82 6.85 -18.66
C ILE A 266 34.70 5.84 -18.90
N VAL A 267 33.98 5.51 -17.83
CA VAL A 267 32.85 4.56 -17.89
C VAL A 267 31.53 5.32 -17.84
N VAL A 268 30.63 4.98 -18.76
CA VAL A 268 29.36 5.68 -18.88
C VAL A 268 28.22 4.68 -19.10
N ILE A 269 26.99 5.19 -19.00
CA ILE A 269 25.80 4.41 -19.30
C ILE A 269 24.87 5.26 -20.16
N GLU A 270 24.21 4.62 -21.13
CA GLU A 270 23.06 5.23 -21.81
C GLU A 270 22.04 4.16 -22.16
N ASN A 271 20.77 4.44 -21.87
CA ASN A 271 19.68 3.48 -22.03
C ASN A 271 19.92 2.14 -21.31
N GLY A 272 20.55 2.21 -20.14
CA GLY A 272 20.84 1.01 -19.34
C GLY A 272 22.02 0.17 -19.79
N ASP A 273 22.66 0.56 -20.89
CA ASP A 273 23.81 -0.16 -21.43
C ASP A 273 25.11 0.48 -20.95
N MET A 274 25.95 -0.29 -20.26
CA MET A 274 27.24 0.21 -19.78
C MET A 274 28.30 0.04 -20.86
N LYS A 275 28.98 1.15 -21.18
CA LYS A 275 29.94 1.18 -22.27
C LYS A 275 31.14 2.06 -21.91
N ILE A 276 32.13 2.07 -22.79
CA ILE A 276 33.30 2.94 -22.66
C ILE A 276 33.08 4.20 -23.48
N LYS A 277 33.24 5.36 -22.86
CA LYS A 277 33.05 6.64 -23.55
C LYS A 277 34.11 6.81 -24.64
N GLY A 278 33.64 6.89 -25.88
CA GLY A 278 34.53 6.97 -27.05
C GLY A 278 34.55 5.67 -27.84
N THR A 279 34.69 4.55 -27.13
CA THR A 279 34.73 3.23 -27.75
C THR A 279 33.34 2.74 -28.16
N ASN A 280 32.37 2.96 -27.27
CA ASN A 280 31.03 2.39 -27.41
C ASN A 280 31.04 0.86 -27.50
N GLU A 281 31.95 0.24 -26.77
CA GLU A 281 32.05 -1.22 -26.69
C GLU A 281 31.38 -1.68 -25.40
N LYS A 282 30.76 -2.85 -25.46
CA LYS A 282 29.90 -3.34 -24.39
C LYS A 282 30.72 -3.81 -23.18
N VAL A 283 30.29 -3.40 -21.98
CA VAL A 283 30.98 -3.73 -20.73
C VAL A 283 29.98 -4.31 -19.72
N THR A 284 30.41 -5.35 -18.99
CA THR A 284 29.54 -6.08 -18.07
C THR A 284 30.04 -5.99 -16.62
N THR A 285 29.11 -6.26 -15.69
CA THR A 285 29.39 -6.21 -14.26
C THR A 285 28.33 -7.00 -13.47
N LYS A 286 28.75 -7.58 -12.34
CA LYS A 286 27.85 -8.37 -11.51
C LYS A 286 26.99 -7.51 -10.58
N TYR A 287 27.37 -6.24 -10.41
CA TYR A 287 26.72 -5.36 -9.44
C TYR A 287 25.79 -4.33 -10.12
N ILE A 288 24.81 -3.87 -9.35
CA ILE A 288 23.88 -2.84 -9.82
C ILE A 288 24.39 -1.47 -9.40
N ILE A 289 24.38 -0.51 -10.33
CA ILE A 289 24.86 0.84 -10.08
C ILE A 289 23.70 1.78 -9.81
N ILE A 290 23.88 2.69 -8.85
CA ILE A 290 22.84 3.64 -8.47
C ILE A 290 23.42 5.01 -8.15
N HIS A 291 22.56 6.03 -8.18
CA HIS A 291 22.92 7.35 -7.64
C HIS A 291 23.05 7.22 -6.13
N LYS A 292 24.04 7.88 -5.54
CA LYS A 292 24.15 7.90 -4.08
C LYS A 292 22.99 8.70 -3.50
N GLY A 293 22.72 9.85 -4.09
CA GLY A 293 21.60 10.68 -3.68
C GLY A 293 20.28 10.15 -4.22
N SER A 294 19.22 10.33 -3.42
CA SER A 294 17.85 10.00 -3.85
C SER A 294 17.17 11.20 -4.50
N HIS A 295 17.97 12.17 -4.97
CA HIS A 295 17.46 13.48 -5.40
C HIS A 295 17.70 13.84 -6.88
N HIS A 296 18.54 13.07 -7.58
CA HIS A 296 18.93 13.38 -8.95
C HIS A 296 17.74 13.93 -9.77
N HIS A 297 17.83 15.22 -10.14
CA HIS A 297 16.76 15.94 -10.86
C HIS A 297 15.46 16.12 -10.05
N HIS A 298 15.61 16.38 -8.75
CA HIS A 298 14.50 16.70 -7.81
C HIS A 298 13.74 15.49 -7.23
N HIS A 299 13.31 15.66 -5.97
CA HIS A 299 12.36 14.75 -5.33
C HIS A 299 11.82 15.38 -4.03
N ALA B 1 -0.26 20.00 -16.03
CA ALA B 1 1.04 19.73 -16.74
C ALA B 1 1.05 20.40 -18.10
N LEU B 2 2.24 20.77 -18.56
CA LEU B 2 2.40 21.40 -19.86
C LEU B 2 3.76 21.04 -20.43
N ILE B 3 3.76 20.46 -21.63
CA ILE B 3 4.98 20.17 -22.34
C ILE B 3 4.90 20.75 -23.74
N ILE B 4 5.91 21.52 -24.12
CA ILE B 4 6.01 22.08 -25.46
C ILE B 4 7.32 21.62 -26.06
N CYS B 5 7.24 20.98 -27.23
CA CYS B 5 8.42 20.46 -27.91
C CYS B 5 8.49 20.94 -29.34
N TYR B 6 9.69 21.35 -29.75
CA TYR B 6 9.99 21.67 -31.14
C TYR B 6 11.02 20.69 -31.69
N TYR B 7 10.86 20.35 -32.96
CA TYR B 7 11.82 19.51 -33.67
C TYR B 7 12.04 20.06 -35.07
N GLY B 8 13.29 19.97 -35.54
CA GLY B 8 13.68 20.45 -36.86
C GLY B 8 15.12 20.05 -37.15
N LYS B 9 15.65 20.49 -38.29
CA LYS B 9 17.05 20.22 -38.63
C LYS B 9 18.00 21.04 -37.76
N ASN B 10 17.55 22.20 -37.32
CA ASN B 10 18.32 23.04 -36.39
C ASN B 10 18.47 22.40 -35.01
N GLY B 11 17.53 21.53 -34.63
CA GLY B 11 17.65 20.74 -33.41
C GLY B 11 16.31 20.44 -32.79
N ALA B 12 16.34 19.83 -31.60
CA ALA B 12 15.13 19.59 -30.84
C ALA B 12 15.21 20.39 -29.55
N VAL B 13 14.09 20.99 -29.16
CA VAL B 13 13.98 21.71 -27.90
C VAL B 13 12.67 21.29 -27.25
N ILE B 14 12.71 21.10 -25.93
CA ILE B 14 11.51 20.67 -25.20
C ILE B 14 11.46 21.28 -23.80
N GLY B 15 10.35 21.95 -23.50
CA GLY B 15 10.15 22.59 -22.21
C GLY B 15 8.98 21.94 -21.50
N GLY B 16 9.11 21.80 -20.19
CA GLY B 16 8.06 21.17 -19.39
C GLY B 16 8.04 21.70 -17.96
N ASP B 17 6.84 21.85 -17.40
CA ASP B 17 6.69 22.25 -16.01
C ASP B 17 6.81 21.02 -15.12
N ARG B 18 6.54 21.18 -13.83
CA ARG B 18 6.74 20.11 -12.85
C ARG B 18 5.48 19.79 -12.03
N ARG B 19 4.35 20.43 -12.36
CA ARG B 19 3.15 20.33 -11.55
C ARG B 19 2.39 19.04 -11.76
N GLN B 20 2.12 18.35 -10.65
CA GLN B 20 1.21 17.21 -10.63
C GLN B 20 0.18 17.47 -9.54
N ILE B 21 -1.10 17.29 -9.88
CA ILE B 21 -2.18 17.52 -8.93
C ILE B 21 -2.92 16.20 -8.67
N PHE B 22 -2.94 15.79 -7.41
CA PHE B 22 -3.64 14.58 -6.99
C PHE B 22 -4.99 14.94 -6.39
N PHE B 23 -6.02 14.16 -6.70
CA PHE B 23 -7.35 14.33 -6.09
C PHE B 23 -7.67 13.12 -5.22
N ARG B 24 -8.34 13.37 -4.11
CA ARG B 24 -8.84 12.33 -3.24
C ARG B 24 -10.27 12.65 -2.80
N GLY B 25 -11.23 11.98 -3.44
CA GLY B 25 -12.65 12.23 -3.15
C GLY B 25 -13.57 11.28 -3.90
N SER B 26 -14.84 11.65 -3.98
CA SER B 26 -15.85 10.84 -4.66
C SER B 26 -15.75 10.98 -6.18
N GLU B 27 -16.45 10.11 -6.90
CA GLU B 27 -16.38 10.08 -8.36
C GLU B 27 -16.98 11.32 -9.03
N GLU B 28 -18.18 11.70 -8.62
CA GLU B 28 -18.86 12.86 -9.20
C GLU B 28 -18.08 14.15 -8.96
N ASN B 29 -17.72 14.40 -7.70
CA ASN B 29 -16.97 15.60 -7.33
C ASN B 29 -15.57 15.65 -7.94
N ARG B 30 -14.96 14.48 -8.14
CA ARG B 30 -13.70 14.38 -8.87
C ARG B 30 -13.89 14.85 -10.30
N LYS B 31 -14.96 14.38 -10.94
CA LYS B 31 -15.27 14.75 -12.32
C LYS B 31 -15.76 16.19 -12.46
N ILE B 32 -16.48 16.69 -11.46
CA ILE B 32 -17.00 18.05 -11.47
C ILE B 32 -15.89 19.09 -11.38
N LEU B 33 -14.97 18.89 -10.44
CA LEU B 33 -13.81 19.77 -10.28
C LEU B 33 -12.84 19.60 -11.44
N GLU B 34 -12.67 18.35 -11.88
CA GLU B 34 -11.83 18.00 -13.03
C GLU B 34 -12.17 18.84 -14.27
N GLU B 35 -13.47 19.00 -14.56
CA GLU B 35 -13.89 19.80 -15.70
C GLU B 35 -13.76 21.30 -15.42
N LYS B 36 -14.12 21.73 -14.21
CA LYS B 36 -14.07 23.15 -13.83
C LYS B 36 -12.64 23.71 -13.84
N LEU B 37 -11.67 22.84 -13.58
CA LEU B 37 -10.25 23.21 -13.65
C LEU B 37 -9.82 23.45 -15.09
N TYR B 38 -10.22 22.57 -16.00
CA TYR B 38 -9.90 22.70 -17.42
C TYR B 38 -10.87 23.60 -18.19
N SER B 39 -11.98 24.01 -17.55
CA SER B 39 -12.95 24.91 -18.19
C SER B 39 -12.39 26.31 -18.41
N GLY B 40 -11.40 26.68 -17.61
CA GLY B 40 -10.77 28.00 -17.71
C GLY B 40 -11.35 29.01 -16.74
N GLU B 41 -12.45 28.65 -16.09
CA GLU B 41 -13.10 29.55 -15.13
C GLU B 41 -12.30 29.63 -13.83
N ILE B 42 -11.58 28.56 -13.48
CA ILE B 42 -10.70 28.59 -12.31
C ILE B 42 -9.46 29.42 -12.62
N LYS B 43 -9.32 30.53 -11.89
CA LYS B 43 -8.30 31.54 -12.15
C LYS B 43 -6.92 31.12 -11.66
N SER B 44 -6.83 30.87 -10.36
CA SER B 44 -5.54 30.64 -9.70
C SER B 44 -5.68 29.56 -8.63
N GLU B 45 -4.61 29.34 -7.87
CA GLU B 45 -4.58 28.32 -6.83
C GLU B 45 -5.54 28.61 -5.67
N GLU B 46 -5.88 29.88 -5.44
CA GLU B 46 -6.80 30.25 -4.36
C GLU B 46 -8.19 29.67 -4.58
N GLU B 47 -8.74 29.89 -5.77
CA GLU B 47 -10.07 29.39 -6.11
C GLU B 47 -10.10 27.86 -6.30
N LEU B 48 -8.95 27.26 -6.57
CA LEU B 48 -8.85 25.81 -6.69
C LEU B 48 -9.11 25.13 -5.34
N TYR B 49 -8.27 25.43 -4.35
CA TYR B 49 -8.45 24.89 -2.99
C TYR B 49 -9.82 25.26 -2.43
N LYS B 50 -10.20 26.53 -2.61
CA LYS B 50 -11.46 27.05 -2.08
C LYS B 50 -12.69 26.36 -2.67
N LEU B 51 -12.67 26.09 -3.97
CA LEU B 51 -13.74 25.35 -4.62
C LEU B 51 -13.67 23.87 -4.28
N ALA B 52 -12.46 23.33 -4.20
CA ALA B 52 -12.25 21.94 -3.80
C ALA B 52 -12.69 21.72 -2.35
N GLU B 53 -12.50 22.75 -1.51
CA GLU B 53 -12.95 22.72 -0.13
C GLU B 53 -14.48 22.69 -0.04
N LYS B 54 -15.14 23.47 -0.91
CA LYS B 54 -16.60 23.49 -0.98
C LYS B 54 -17.17 22.14 -1.41
N LEU B 55 -16.45 21.45 -2.30
CA LEU B 55 -16.84 20.11 -2.77
C LEU B 55 -16.33 18.97 -1.86
N ASN B 56 -15.82 19.32 -0.68
CA ASN B 56 -15.32 18.34 0.28
C ASN B 56 -14.40 17.30 -0.37
N ILE B 57 -13.42 17.80 -1.13
CA ILE B 57 -12.46 16.97 -1.85
C ILE B 57 -11.07 17.58 -1.68
N LYS B 58 -10.11 16.77 -1.25
CA LYS B 58 -8.76 17.27 -1.01
C LYS B 58 -7.91 17.14 -2.27
N ILE B 59 -7.16 18.19 -2.58
CA ILE B 59 -6.22 18.17 -3.70
C ILE B 59 -4.80 18.42 -3.17
N ILE B 60 -3.83 17.76 -3.78
CA ILE B 60 -2.42 17.85 -3.35
C ILE B 60 -1.55 18.20 -4.54
N ILE B 61 -1.10 19.46 -4.60
CA ILE B 61 -0.19 19.91 -5.66
C ILE B 61 1.25 19.52 -5.31
N GLU B 62 1.97 18.99 -6.30
CA GLU B 62 3.38 18.62 -6.15
C GLU B 62 4.19 19.07 -7.37
N ASP B 63 5.01 20.09 -7.18
CA ASP B 63 5.83 20.64 -8.26
C ASP B 63 7.29 20.18 -8.13
N ASP B 64 7.49 19.04 -7.47
CA ASP B 64 8.84 18.63 -7.07
C ASP B 64 9.56 17.69 -8.03
N ARG B 65 8.98 17.41 -9.21
CA ARG B 65 9.60 16.47 -10.15
C ARG B 65 9.47 16.86 -11.62
N GLU B 66 10.57 16.70 -12.35
CA GLU B 66 10.68 17.16 -13.73
C GLU B 66 9.88 16.25 -14.64
N LYS B 67 9.22 16.86 -15.63
CA LYS B 67 8.49 16.10 -16.64
C LYS B 67 9.34 15.83 -17.88
N VAL B 68 10.53 16.46 -17.96
CA VAL B 68 11.36 16.37 -19.16
C VAL B 68 12.78 15.89 -18.87
N ARG B 69 13.31 15.09 -19.78
CA ARG B 69 14.62 14.48 -19.61
C ARG B 69 15.46 14.64 -20.88
N LYS B 70 16.77 14.68 -20.68
CA LYS B 70 17.73 14.73 -21.76
C LYS B 70 18.43 13.38 -21.74
N ILE B 71 17.89 12.44 -22.50
CA ILE B 71 18.39 11.07 -22.50
C ILE B 71 19.85 10.99 -22.96
N SER B 72 20.21 11.82 -23.93
CA SER B 72 21.55 11.84 -24.46
C SER B 72 21.82 13.20 -25.10
N ASP B 73 22.96 13.29 -25.79
CA ASP B 73 23.27 14.47 -26.60
C ASP B 73 22.46 14.48 -27.89
N SER B 74 21.74 13.38 -28.18
CA SER B 74 20.92 13.25 -29.39
C SER B 74 19.42 13.28 -29.13
N VAL B 75 18.97 12.85 -27.96
CA VAL B 75 17.54 12.67 -27.68
C VAL B 75 17.07 13.37 -26.41
N VAL B 76 15.86 13.92 -26.47
CA VAL B 76 15.20 14.52 -25.33
C VAL B 76 13.78 13.98 -25.24
N CYS B 77 13.28 13.81 -24.02
CA CYS B 77 11.97 13.22 -23.79
C CYS B 77 11.15 14.07 -22.82
N GLY B 78 9.83 14.07 -22.99
CA GLY B 78 8.92 14.76 -22.09
C GLY B 78 7.68 13.92 -21.86
N GLU B 79 7.31 13.73 -20.60
CA GLU B 79 6.20 12.83 -20.25
C GLU B 79 5.07 13.52 -19.49
N VAL B 80 3.84 13.18 -19.86
CA VAL B 80 2.65 13.54 -19.10
C VAL B 80 1.97 12.25 -18.69
N ARG B 81 1.48 12.21 -17.46
CA ARG B 81 0.84 11.03 -16.90
C ARG B 81 -0.52 11.39 -16.35
N SER B 82 -1.44 10.45 -16.43
CA SER B 82 -2.76 10.61 -15.85
C SER B 82 -3.14 9.29 -15.19
N LEU B 83 -3.14 9.27 -13.86
CA LEU B 83 -3.34 8.03 -13.11
C LEU B 83 -4.73 8.00 -12.48
N GLY B 84 -5.34 6.82 -12.52
CA GLY B 84 -6.67 6.61 -11.93
C GLY B 84 -6.93 5.13 -11.85
N ILE B 85 -7.96 4.66 -12.55
CA ILE B 85 -8.21 3.23 -12.66
C ILE B 85 -7.01 2.64 -13.39
N ASP B 86 -6.70 3.25 -14.53
CA ASP B 86 -5.53 2.88 -15.32
C ASP B 86 -4.45 3.94 -15.20
N ALA B 87 -3.25 3.59 -15.63
CA ALA B 87 -2.08 4.47 -15.60
C ALA B 87 -1.73 4.94 -17.01
N LYS B 88 -2.47 5.95 -17.48
CA LYS B 88 -2.32 6.48 -18.84
C LYS B 88 -1.18 7.48 -18.92
N ARG B 89 -0.35 7.36 -19.96
CA ARG B 89 0.78 8.25 -20.19
C ARG B 89 0.80 8.79 -21.61
N ARG B 90 1.42 9.95 -21.77
CA ARG B 90 1.67 10.52 -23.09
C ARG B 90 3.08 11.10 -23.10
N ARG B 91 3.99 10.45 -23.82
CA ARG B 91 5.37 10.92 -23.93
C ARG B 91 5.59 11.57 -25.29
N VAL B 92 6.57 12.47 -25.34
CA VAL B 92 7.05 13.03 -26.60
C VAL B 92 8.58 12.99 -26.60
N TYR B 93 9.13 12.29 -27.59
CA TYR B 93 10.58 12.20 -27.76
C TYR B 93 10.95 13.09 -28.95
N ALA B 94 12.18 13.59 -28.94
CA ALA B 94 12.63 14.49 -30.01
C ALA B 94 14.14 14.44 -30.23
N THR B 95 14.53 14.75 -31.46
CA THR B 95 15.93 14.75 -31.87
C THR B 95 16.06 15.64 -33.10
N LYS B 96 17.26 15.70 -33.67
CA LYS B 96 17.53 16.53 -34.84
C LYS B 96 16.75 16.03 -36.05
N GLY B 97 15.65 16.72 -36.36
CA GLY B 97 14.83 16.41 -37.52
C GLY B 97 13.67 15.46 -37.29
N LYS B 98 13.73 14.67 -36.22
CA LYS B 98 12.68 13.69 -35.93
C LYS B 98 11.98 13.98 -34.60
N CYS B 99 10.79 13.41 -34.46
CA CYS B 99 9.98 13.53 -33.25
C CYS B 99 9.09 12.30 -33.12
N ALA B 100 8.90 11.82 -31.89
CA ALA B 100 8.07 10.64 -31.65
C ALA B 100 7.04 10.91 -30.56
N ILE B 101 5.76 10.78 -30.90
CA ILE B 101 4.69 10.87 -29.91
C ILE B 101 4.26 9.46 -29.56
N VAL B 102 4.44 9.08 -28.30
CA VAL B 102 4.12 7.73 -27.83
C VAL B 102 2.93 7.76 -26.87
N ASP B 103 2.06 6.78 -26.99
CA ASP B 103 0.90 6.66 -26.09
C ASP B 103 0.94 5.33 -25.36
N ILE B 104 1.00 5.40 -24.03
CA ILE B 104 1.09 4.21 -23.21
C ILE B 104 -0.15 4.07 -22.33
N LEU B 105 -0.70 2.85 -22.30
CA LEU B 105 -1.71 2.49 -21.32
C LEU B 105 -1.14 1.34 -20.48
N ASN B 106 -0.95 1.60 -19.20
CA ASN B 106 -0.41 0.60 -18.27
C ASN B 106 0.95 0.05 -18.74
N ASP B 107 1.01 -1.21 -19.17
CA ASP B 107 2.28 -1.81 -19.60
C ASP B 107 2.31 -2.06 -21.11
N THR B 108 1.62 -1.22 -21.87
CA THR B 108 1.51 -1.40 -23.31
C THR B 108 1.64 -0.08 -24.04
N VAL B 109 2.24 -0.10 -25.22
CA VAL B 109 2.29 1.06 -26.10
C VAL B 109 1.12 0.99 -27.07
N THR B 110 0.10 1.81 -26.83
CA THR B 110 -1.07 1.86 -27.71
C THR B 110 -0.71 2.44 -29.07
N ASN B 111 -0.20 3.67 -29.09
CA ASN B 111 0.22 4.34 -30.32
C ASN B 111 1.67 4.82 -30.28
N GLN B 112 2.32 4.82 -31.44
CA GLN B 112 3.65 5.42 -31.58
C GLN B 112 3.83 6.03 -32.96
N THR B 113 3.67 7.35 -33.05
CA THR B 113 3.84 8.08 -34.30
C THR B 113 5.19 8.78 -34.32
N ILE B 114 5.97 8.52 -35.36
CA ILE B 114 7.25 9.18 -35.59
C ILE B 114 7.13 10.09 -36.79
N LYS B 115 7.78 11.25 -36.73
CA LYS B 115 7.72 12.25 -37.79
C LYS B 115 9.09 12.77 -38.17
N GLU B 116 9.32 12.96 -39.47
CA GLU B 116 10.52 13.63 -39.97
C GLU B 116 10.14 14.98 -40.52
N GLY B 117 10.86 16.02 -40.10
CA GLY B 117 10.67 17.36 -40.63
C GLY B 117 10.74 18.42 -39.56
N PHE B 118 9.84 19.40 -39.65
CA PHE B 118 9.79 20.51 -38.73
C PHE B 118 8.40 20.56 -38.12
N GLY B 119 8.34 20.71 -36.80
CA GLY B 119 7.03 20.82 -36.15
C GLY B 119 7.06 21.10 -34.67
N ILE B 120 5.87 21.28 -34.11
CA ILE B 120 5.70 21.51 -32.68
C ILE B 120 4.61 20.61 -32.12
N VAL B 121 4.90 20.01 -30.97
CA VAL B 121 3.95 19.17 -30.27
C VAL B 121 3.74 19.72 -28.86
N VAL B 122 2.49 19.79 -28.43
CA VAL B 122 2.15 20.28 -27.11
C VAL B 122 1.31 19.24 -26.38
N LEU B 123 1.73 18.89 -25.17
CA LEU B 123 0.99 17.95 -24.33
C LEU B 123 0.46 18.67 -23.10
N GLY B 124 -0.77 18.37 -22.72
CA GLY B 124 -1.40 18.96 -21.54
C GLY B 124 -2.90 18.80 -21.57
N ASN B 125 -3.60 19.57 -20.73
CA ASN B 125 -5.06 19.56 -20.71
C ASN B 125 -5.61 20.41 -21.85
N ARG B 126 -6.94 20.36 -22.04
CA ARG B 126 -7.57 21.04 -23.17
C ARG B 126 -7.42 22.56 -23.11
N PHE B 127 -7.41 23.12 -21.91
CA PHE B 127 -7.31 24.58 -21.75
C PHE B 127 -5.94 25.10 -22.16
N LEU B 128 -4.89 24.44 -21.70
CA LEU B 128 -3.52 24.88 -21.98
C LEU B 128 -3.17 24.71 -23.45
N LYS B 129 -3.56 23.58 -24.03
CA LYS B 129 -3.32 23.33 -25.45
C LYS B 129 -4.02 24.38 -26.33
N LYS B 130 -5.24 24.76 -25.93
CA LYS B 130 -5.96 25.83 -26.62
C LYS B 130 -5.18 27.15 -26.54
N LYS B 131 -4.71 27.47 -25.34
CA LYS B 131 -3.97 28.72 -25.10
C LYS B 131 -2.59 28.72 -25.75
N ALA B 132 -1.90 27.58 -25.65
CA ALA B 132 -0.55 27.46 -26.22
C ALA B 132 -0.58 27.57 -27.74
N GLU B 133 -1.57 26.95 -28.37
CA GLU B 133 -1.76 27.06 -29.82
C GLU B 133 -1.79 28.52 -30.26
N GLU B 134 -2.59 29.32 -29.58
CA GLU B 134 -2.81 30.72 -29.98
C GLU B 134 -1.60 31.62 -29.75
N GLU B 135 -0.62 31.16 -28.97
CA GLU B 135 0.68 31.83 -28.88
C GLU B 135 1.58 31.39 -30.02
N LEU B 136 1.59 30.09 -30.30
CA LEU B 136 2.47 29.51 -31.32
C LEU B 136 2.02 29.81 -32.74
N LYS B 137 0.72 29.79 -32.98
CA LYS B 137 0.16 29.99 -34.34
C LYS B 137 0.85 31.12 -35.12
N ARG B 138 1.25 32.17 -34.42
CA ARG B 138 1.98 33.28 -35.03
C ARG B 138 3.48 32.99 -35.11
N THR B 139 4.08 32.76 -33.95
CA THR B 139 5.53 32.71 -33.81
C THR B 139 6.19 31.41 -34.28
N ALA B 140 5.39 30.36 -34.48
CA ALA B 140 5.94 29.03 -34.78
C ALA B 140 6.73 28.98 -36.08
N LYS B 141 6.26 29.67 -37.13
CA LYS B 141 6.91 29.61 -38.44
C LYS B 141 8.31 30.25 -38.50
N LEU B 142 8.66 31.02 -37.47
CA LEU B 142 10.00 31.57 -37.35
C LEU B 142 11.00 30.59 -36.72
N PHE B 143 10.49 29.48 -36.18
CA PHE B 143 11.33 28.51 -35.46
C PHE B 143 12.36 27.82 -36.37
N PRO B 144 11.92 27.29 -37.52
CA PRO B 144 12.81 26.50 -38.39
C PRO B 144 14.14 27.17 -38.77
N MET B 145 14.16 28.51 -38.83
CA MET B 145 15.37 29.25 -39.20
C MET B 145 16.12 29.86 -38.01
N MET B 146 15.55 29.75 -36.81
CA MET B 146 16.19 30.25 -35.60
C MET B 146 17.31 29.34 -35.09
N PRO B 147 18.20 29.86 -34.24
CA PRO B 147 19.08 28.99 -33.46
C PRO B 147 18.32 28.28 -32.34
N ILE B 148 18.96 27.30 -31.72
CA ILE B 148 18.37 26.59 -30.60
C ILE B 148 18.06 27.54 -29.45
N GLN B 149 19.07 28.29 -29.03
CA GLN B 149 18.92 29.19 -27.87
C GLN B 149 17.67 30.06 -28.00
N GLN B 150 17.48 30.65 -29.16
CA GLN B 150 16.36 31.55 -29.38
C GLN B 150 15.01 30.83 -29.28
N ILE B 151 14.98 29.56 -29.67
CA ILE B 151 13.77 28.75 -29.54
C ILE B 151 13.51 28.40 -28.07
N GLU B 152 14.55 27.97 -27.36
CA GLU B 152 14.46 27.75 -25.91
C GLU B 152 13.82 28.98 -25.25
N ASP B 153 14.35 30.15 -25.58
CA ASP B 153 13.82 31.41 -25.04
C ASP B 153 12.37 31.62 -25.49
N ALA B 154 12.11 31.43 -26.77
CA ALA B 154 10.76 31.59 -27.31
C ALA B 154 9.77 30.76 -26.51
N ILE B 155 10.19 29.55 -26.16
CA ILE B 155 9.40 28.65 -25.32
C ILE B 155 9.31 29.15 -23.88
N LYS B 156 10.42 29.64 -23.33
CA LYS B 156 10.42 30.24 -21.99
C LYS B 156 9.35 31.32 -21.85
N GLU B 157 9.21 32.15 -22.87
CA GLU B 157 8.21 33.21 -22.86
C GLU B 157 6.79 32.64 -22.80
N ILE B 158 6.56 31.55 -23.53
CA ILE B 158 5.26 30.88 -23.54
C ILE B 158 4.91 30.34 -22.15
N PHE B 159 5.89 29.76 -21.46
CA PHE B 159 5.69 29.27 -20.09
C PHE B 159 5.41 30.42 -19.12
N GLU B 160 6.16 31.51 -19.25
CA GLU B 160 5.92 32.70 -18.43
C GLU B 160 4.55 33.32 -18.71
N LYS B 161 4.10 33.22 -19.95
CA LYS B 161 2.80 33.73 -20.38
C LYS B 161 1.65 32.92 -19.78
N LEU B 162 1.88 31.63 -19.51
CA LEU B 162 0.83 30.71 -19.10
C LEU B 162 0.90 30.24 -17.64
N LYS B 163 2.06 30.35 -17.00
CA LYS B 163 2.29 29.72 -15.69
C LYS B 163 1.34 30.17 -14.57
N TRP B 164 0.75 31.36 -14.71
CA TRP B 164 -0.28 31.85 -13.79
C TRP B 164 -1.38 30.83 -13.48
N HIS B 165 -1.73 30.00 -14.48
CA HIS B 165 -2.77 28.98 -14.33
C HIS B 165 -2.35 27.92 -13.30
N PRO B 166 -3.32 27.43 -12.49
CA PRO B 166 -2.99 26.47 -11.43
C PRO B 166 -2.74 25.03 -11.89
N THR B 167 -2.85 24.75 -13.19
CA THR B 167 -2.44 23.45 -13.74
C THR B 167 -0.98 23.47 -14.18
N VAL B 168 -0.28 24.56 -13.88
CA VAL B 168 1.12 24.74 -14.27
C VAL B 168 1.91 25.31 -13.10
N SER B 169 3.05 24.69 -12.80
CA SER B 169 3.94 25.16 -11.76
C SER B 169 4.62 26.45 -12.20
N LYS B 170 5.07 27.23 -11.23
CA LYS B 170 5.69 28.53 -11.50
C LYS B 170 7.15 28.40 -11.96
N GLU B 171 7.72 27.19 -11.85
CA GLU B 171 9.06 26.89 -12.34
C GLU B 171 9.02 25.76 -13.37
N TYR B 172 9.98 25.76 -14.29
CA TYR B 172 9.97 24.80 -15.41
C TYR B 172 11.38 24.47 -15.93
N ASP B 173 11.51 23.31 -16.56
CA ASP B 173 12.80 22.85 -17.10
C ASP B 173 12.78 22.87 -18.62
N ILE B 174 13.93 23.16 -19.21
CA ILE B 174 14.11 23.14 -20.67
C ILE B 174 15.44 22.48 -21.05
N TYR B 175 15.38 21.53 -21.98
CA TYR B 175 16.54 20.82 -22.48
C TYR B 175 16.51 20.79 -24.01
N SER B 176 17.68 20.90 -24.63
CA SER B 176 17.78 20.91 -26.10
C SER B 176 18.99 20.14 -26.62
N VAL B 177 18.92 19.77 -27.89
CA VAL B 177 19.99 19.02 -28.56
C VAL B 177 20.06 19.43 -30.04
N ASN B 178 21.24 19.27 -30.64
CA ASN B 178 21.41 19.50 -32.09
C ASN B 178 22.15 18.36 -32.80
N LYS B 179 22.12 17.17 -32.21
CA LYS B 179 22.71 15.99 -32.86
C LYS B 179 21.62 15.03 -33.31
N TYR B 180 21.87 14.35 -34.42
CA TYR B 180 20.93 13.37 -34.95
C TYR B 180 21.18 12.00 -34.33
N GLU B 181 20.10 11.34 -33.91
CA GLU B 181 20.18 9.99 -33.37
C GLU B 181 19.99 8.97 -34.50
N LYS B 182 20.99 8.13 -34.72
CA LYS B 182 20.96 7.17 -35.82
C LYS B 182 19.88 6.10 -35.59
N ASN B 183 19.83 5.56 -34.39
CA ASN B 183 18.85 4.53 -34.02
C ASN B 183 17.74 5.11 -33.16
N PHE B 184 17.02 6.09 -33.69
CA PHE B 184 16.00 6.78 -32.92
C PHE B 184 14.90 5.85 -32.37
N GLU B 185 14.50 4.85 -33.16
CA GLU B 185 13.47 3.92 -32.72
C GLU B 185 13.97 3.03 -31.58
N GLU B 186 15.22 2.58 -31.67
CA GLU B 186 15.79 1.68 -30.67
C GLU B 186 15.96 2.39 -29.33
N VAL B 187 16.42 3.63 -29.38
CA VAL B 187 16.59 4.43 -28.16
C VAL B 187 15.28 4.54 -27.40
N ILE B 188 14.20 4.84 -28.12
CA ILE B 188 12.87 4.98 -27.53
C ILE B 188 12.39 3.65 -26.95
N LYS B 189 12.55 2.57 -27.71
CA LYS B 189 12.13 1.26 -27.26
C LYS B 189 12.85 0.86 -25.97
N LYS B 190 14.13 1.24 -25.85
CA LYS B 190 14.92 0.92 -24.67
C LYS B 190 14.55 1.77 -23.46
N ASP B 191 14.25 3.05 -23.69
CA ASP B 191 13.82 3.94 -22.61
C ASP B 191 12.47 3.49 -22.06
N ILE B 192 11.56 3.10 -22.95
CA ILE B 192 10.26 2.60 -22.54
C ILE B 192 10.38 1.27 -21.80
N GLU B 193 11.24 0.38 -22.27
CA GLU B 193 11.41 -0.92 -21.62
C GLU B 193 11.77 -0.76 -20.13
N SER B 194 12.51 0.30 -19.79
CA SER B 194 12.85 0.60 -18.41
C SER B 194 11.62 0.85 -17.55
N LEU B 195 10.65 1.58 -18.10
CA LEU B 195 9.39 1.83 -17.41
C LEU B 195 8.70 0.52 -17.04
N PHE B 196 8.62 -0.39 -18.01
CA PHE B 196 7.95 -1.66 -17.80
C PHE B 196 8.69 -2.53 -16.80
N LYS B 197 10.02 -2.44 -16.77
CA LYS B 197 10.80 -3.11 -15.74
C LYS B 197 10.52 -2.54 -14.36
N TYR B 198 10.37 -1.21 -14.29
CA TYR B 198 10.09 -0.54 -13.02
C TYR B 198 8.71 -0.94 -12.48
N ARG B 199 7.73 -1.01 -13.36
CA ARG B 199 6.38 -1.47 -12.98
C ARG B 199 6.39 -2.95 -12.58
N GLU B 200 7.23 -3.74 -13.23
CA GLU B 200 7.40 -5.15 -12.89
C GLU B 200 8.00 -5.29 -11.50
N GLN B 201 9.11 -4.59 -11.29
CA GLN B 201 9.75 -4.55 -9.98
C GLN B 201 8.77 -4.13 -8.91
N LEU B 202 8.00 -3.08 -9.18
CA LEU B 202 7.00 -2.57 -8.25
C LEU B 202 5.99 -3.65 -7.86
N ARG B 203 5.53 -4.40 -8.86
CA ARG B 203 4.59 -5.51 -8.61
C ARG B 203 5.27 -6.68 -7.92
N LYS B 204 6.52 -6.97 -8.27
CA LYS B 204 7.27 -8.05 -7.61
C LYS B 204 7.55 -7.75 -6.13
N GLN B 205 7.89 -6.50 -5.82
CA GLN B 205 8.12 -6.10 -4.44
C GLN B 205 6.82 -6.07 -3.64
N LEU B 206 5.73 -5.70 -4.32
CA LEU B 206 4.41 -5.63 -3.68
C LEU B 206 3.90 -7.03 -3.34
N ILE B 207 4.19 -7.99 -4.21
CA ILE B 207 3.85 -9.39 -3.96
C ILE B 207 4.68 -9.93 -2.81
N ASP B 208 5.98 -9.64 -2.82
CA ASP B 208 6.90 -10.12 -1.78
C ASP B 208 6.65 -9.47 -0.41
N PHE B 209 6.14 -8.24 -0.40
CA PHE B 209 5.74 -7.59 0.84
C PHE B 209 4.68 -8.42 1.52
N GLY B 210 3.60 -8.67 0.79
CA GLY B 210 2.52 -9.52 1.29
C GLY B 210 2.99 -10.91 1.63
N LYS B 211 3.86 -11.45 0.80
CA LYS B 211 4.39 -12.80 1.00
C LYS B 211 5.12 -12.95 2.33
N VAL B 212 5.84 -11.90 2.72
CA VAL B 212 6.51 -11.87 4.04
C VAL B 212 5.48 -11.71 5.16
N MET B 213 4.52 -10.80 4.96
CA MET B 213 3.51 -10.53 5.98
C MET B 213 2.60 -11.73 6.25
N SER B 214 2.31 -12.49 5.20
CA SER B 214 1.57 -13.73 5.35
C SER B 214 2.29 -14.64 6.34
N ILE B 215 3.59 -14.83 6.10
CA ILE B 215 4.43 -15.66 6.98
C ILE B 215 4.36 -15.18 8.43
N VAL B 216 4.45 -13.88 8.65
CA VAL B 216 4.38 -13.33 10.00
C VAL B 216 3.06 -13.68 10.65
N ASN B 217 1.97 -13.62 9.88
CA ASN B 217 0.65 -14.00 10.37
C ASN B 217 0.50 -15.49 10.64
N LYS B 218 1.31 -16.31 9.97
CA LYS B 218 1.30 -17.77 10.16
C LYS B 218 2.15 -18.25 11.35
N ILE B 219 2.85 -17.33 12.02
CA ILE B 219 3.66 -17.69 13.19
C ILE B 219 2.76 -18.24 14.30
N VAL B 220 3.17 -19.35 14.89
CA VAL B 220 2.33 -20.08 15.83
C VAL B 220 2.35 -19.44 17.21
N LYS B 221 1.19 -18.96 17.65
CA LYS B 221 1.00 -18.43 18.99
C LYS B 221 0.69 -19.61 19.92
N ASN B 222 -0.30 -20.40 19.53
CA ASN B 222 -0.70 -21.58 20.28
C ASN B 222 -0.95 -22.75 19.33
N GLY B 223 -0.20 -23.84 19.52
CA GLY B 223 -0.35 -25.03 18.69
C GLY B 223 0.36 -26.26 19.23
N GLU B 224 -0.09 -27.43 18.79
CA GLU B 224 0.54 -28.71 19.11
C GLU B 224 1.44 -29.12 17.94
N ILE B 225 2.66 -28.62 17.96
CA ILE B 225 3.50 -28.56 16.75
C ILE B 225 4.16 -29.87 16.31
N GLY B 226 4.59 -30.70 17.25
CA GLY B 226 5.28 -31.94 16.88
C GLY B 226 5.67 -32.85 18.02
N VAL B 227 6.57 -33.78 17.72
CA VAL B 227 7.05 -34.77 18.69
C VAL B 227 8.56 -34.92 18.52
N ILE B 228 9.26 -35.16 19.62
CA ILE B 228 10.72 -35.33 19.59
C ILE B 228 11.06 -36.78 19.21
N LYS B 229 11.43 -36.98 17.95
CA LYS B 229 11.82 -38.30 17.45
C LYS B 229 13.34 -38.36 17.32
N ASP B 230 13.96 -39.32 18.00
CA ASP B 230 15.39 -39.58 17.92
C ASP B 230 16.24 -38.36 18.33
N GLY B 231 15.76 -37.63 19.34
CA GLY B 231 16.47 -36.46 19.86
C GLY B 231 16.35 -35.21 19.00
N LYS B 232 15.39 -35.20 18.08
CA LYS B 232 15.15 -34.06 17.19
C LYS B 232 13.66 -33.81 17.09
N LEU B 233 13.27 -32.54 16.96
CA LEU B 233 11.87 -32.16 16.82
C LEU B 233 11.35 -32.48 15.42
N HIS B 234 10.68 -33.62 15.29
CA HIS B 234 9.94 -33.94 14.06
C HIS B 234 8.62 -33.18 14.11
N LEU B 235 8.41 -32.30 13.14
CA LEU B 235 7.18 -31.52 13.05
C LEU B 235 6.11 -32.32 12.32
N TYR B 236 4.85 -32.11 12.70
CA TYR B 236 3.72 -32.73 12.01
C TYR B 236 3.63 -32.22 10.57
N ASP B 237 2.74 -32.83 9.80
CA ASP B 237 2.49 -32.40 8.42
C ASP B 237 1.77 -31.05 8.37
N ASP B 238 1.13 -30.67 9.47
CA ASP B 238 0.40 -29.40 9.58
C ASP B 238 1.33 -28.19 9.70
N TYR B 239 2.40 -28.32 10.48
CA TYR B 239 3.30 -27.18 10.76
C TYR B 239 4.66 -27.34 10.08
N ILE B 240 5.31 -26.20 9.81
CA ILE B 240 6.68 -26.18 9.28
C ILE B 240 7.51 -25.09 9.96
N ALA B 241 8.83 -25.14 9.74
CA ALA B 241 9.76 -24.21 10.36
C ALA B 241 10.57 -23.47 9.30
N ILE B 242 10.99 -22.26 9.64
CA ILE B 242 11.78 -21.41 8.74
C ILE B 242 12.91 -20.71 9.47
N ASP B 243 14.00 -20.46 8.74
CA ASP B 243 15.22 -19.86 9.33
C ASP B 243 15.07 -18.36 9.59
N LYS B 244 14.52 -17.64 8.62
CA LYS B 244 14.34 -16.18 8.74
C LYS B 244 12.90 -15.80 8.43
N ILE B 245 12.58 -14.53 8.67
CA ILE B 245 11.34 -13.94 8.18
C ILE B 245 11.64 -13.38 6.80
N ASP B 246 11.66 -14.26 5.82
CA ASP B 246 11.99 -13.90 4.44
C ASP B 246 10.75 -14.11 3.57
N PRO B 247 10.75 -13.60 2.33
CA PRO B 247 9.63 -13.91 1.44
C PRO B 247 9.63 -15.36 0.95
N ASN B 248 10.81 -15.88 0.61
CA ASN B 248 11.00 -17.28 0.22
C ASN B 248 12.00 -17.98 1.15
N PRO B 249 11.56 -18.34 2.36
CA PRO B 249 12.45 -18.92 3.35
C PRO B 249 12.68 -20.41 3.11
N LYS B 250 13.72 -20.94 3.74
CA LYS B 250 14.02 -22.38 3.65
C LYS B 250 13.15 -23.15 4.64
N VAL B 251 12.48 -24.19 4.13
CA VAL B 251 11.54 -24.97 4.93
C VAL B 251 12.27 -26.11 5.64
N PHE B 252 11.84 -26.41 6.86
CA PHE B 252 12.40 -27.51 7.64
C PHE B 252 11.30 -28.34 8.30
N LYS B 253 11.46 -29.66 8.25
CA LYS B 253 10.56 -30.59 8.94
C LYS B 253 11.16 -31.07 10.26
N VAL B 254 12.47 -31.27 10.27
CA VAL B 254 13.22 -31.64 11.47
C VAL B 254 14.06 -30.43 11.90
N VAL B 255 14.03 -30.12 13.20
CA VAL B 255 14.67 -28.89 13.70
C VAL B 255 15.52 -29.16 14.94
N ASP B 256 16.64 -28.44 15.05
CA ASP B 256 17.52 -28.51 16.21
C ASP B 256 16.93 -27.72 17.37
N VAL B 257 16.85 -28.34 18.54
CA VAL B 257 16.26 -27.72 19.75
C VAL B 257 17.15 -27.96 20.98
N GLU B 258 17.17 -26.99 21.89
CA GLU B 258 17.94 -27.09 23.13
C GLU B 258 17.03 -26.99 24.35
N GLY B 259 17.21 -27.93 25.29
CA GLY B 259 16.40 -27.97 26.51
C GLY B 259 16.47 -29.32 27.20
N ASN B 260 15.67 -29.48 28.25
CA ASN B 260 15.61 -30.73 29.01
C ASN B 260 14.44 -31.59 28.54
N PHE B 261 14.73 -32.70 27.86
CA PHE B 261 13.70 -33.56 27.27
C PHE B 261 14.25 -34.94 26.86
N LYS B 262 13.36 -35.81 26.39
CA LYS B 262 13.74 -37.12 25.86
C LYS B 262 12.92 -37.45 24.60
N ASP B 263 13.15 -38.65 24.05
CA ASP B 263 12.43 -39.09 22.85
C ASP B 263 11.00 -39.49 23.20
N GLY B 264 10.05 -39.12 22.33
CA GLY B 264 8.64 -39.45 22.50
C GLY B 264 7.79 -38.34 23.09
N ASP B 265 8.42 -37.26 23.55
CA ASP B 265 7.71 -36.16 24.21
C ASP B 265 7.03 -35.26 23.18
N ILE B 266 5.84 -34.76 23.55
CA ILE B 266 5.05 -33.91 22.67
C ILE B 266 5.49 -32.45 22.87
N VAL B 267 5.70 -31.73 21.76
CA VAL B 267 6.12 -30.33 21.80
C VAL B 267 4.93 -29.42 21.49
N VAL B 268 4.73 -28.40 22.32
CA VAL B 268 3.58 -27.50 22.20
C VAL B 268 4.01 -26.06 22.39
N ILE B 269 3.10 -25.14 22.08
CA ILE B 269 3.29 -23.71 22.32
C ILE B 269 2.02 -23.15 22.94
N GLU B 270 2.19 -22.22 23.88
CA GLU B 270 1.07 -21.38 24.33
C GLU B 270 1.59 -19.99 24.67
N ASN B 271 0.89 -18.97 24.19
CA ASN B 271 1.31 -17.57 24.32
C ASN B 271 2.73 -17.31 23.81
N GLY B 272 3.11 -17.99 22.73
CA GLY B 272 4.43 -17.82 22.12
C GLY B 272 5.59 -18.53 22.82
N ASP B 273 5.31 -19.21 23.94
CA ASP B 273 6.32 -19.92 24.71
C ASP B 273 6.31 -21.39 24.32
N MET B 274 7.45 -21.90 23.84
CA MET B 274 7.57 -23.30 23.47
C MET B 274 7.96 -24.13 24.70
N LYS B 275 7.17 -25.18 24.96
CA LYS B 275 7.33 -26.00 26.15
C LYS B 275 7.05 -27.47 25.84
N ILE B 276 7.29 -28.32 26.84
CA ILE B 276 6.98 -29.74 26.74
C ILE B 276 5.62 -30.00 27.38
N LYS B 277 4.73 -30.65 26.64
CA LYS B 277 3.39 -30.95 27.14
C LYS B 277 3.47 -31.90 28.33
N GLY B 278 3.02 -31.43 29.49
CA GLY B 278 3.09 -32.19 30.74
C GLY B 278 4.15 -31.63 31.67
N THR B 279 5.34 -31.36 31.13
CA THR B 279 6.45 -30.83 31.92
C THR B 279 6.29 -29.34 32.19
N ASN B 280 5.86 -28.60 31.18
CA ASN B 280 5.82 -27.14 31.21
C ASN B 280 7.20 -26.53 31.50
N GLU B 281 8.24 -27.16 30.96
CA GLU B 281 9.61 -26.66 31.06
C GLU B 281 9.99 -25.95 29.76
N LYS B 282 10.80 -24.91 29.89
CA LYS B 282 11.07 -24.01 28.77
C LYS B 282 12.02 -24.64 27.75
N VAL B 283 11.66 -24.50 26.47
CA VAL B 283 12.44 -25.08 25.36
C VAL B 283 12.76 -24.01 24.32
N THR B 284 13.99 -24.03 23.79
CA THR B 284 14.46 -23.00 22.85
C THR B 284 14.81 -23.59 21.48
N THR B 285 14.84 -22.71 20.47
CA THR B 285 15.14 -23.09 19.09
C THR B 285 15.57 -21.87 18.29
N LYS B 286 16.44 -22.08 17.30
CA LYS B 286 16.95 -20.99 16.45
C LYS B 286 15.98 -20.61 15.33
N TYR B 287 15.00 -21.49 15.04
CA TYR B 287 14.10 -21.32 13.91
C TYR B 287 12.70 -20.83 14.33
N ILE B 288 12.02 -20.17 13.40
CA ILE B 288 10.65 -19.70 13.62
C ILE B 288 9.68 -20.76 13.11
N ILE B 289 8.66 -21.06 13.90
CA ILE B 289 7.66 -22.07 13.55
C ILE B 289 6.39 -21.40 13.03
N ILE B 290 5.79 -21.99 12.00
CA ILE B 290 4.59 -21.45 11.38
C ILE B 290 3.62 -22.56 10.96
N HIS B 291 2.36 -22.18 10.76
CA HIS B 291 1.39 -23.07 10.12
C HIS B 291 1.81 -23.24 8.66
N LYS B 292 1.69 -24.45 8.12
CA LYS B 292 1.96 -24.66 6.69
C LYS B 292 0.88 -23.96 5.87
N GLY B 293 -0.37 -24.12 6.29
CA GLY B 293 -1.48 -23.46 5.64
C GLY B 293 -1.61 -22.02 6.06
N SER B 294 -2.06 -21.17 5.13
CA SER B 294 -2.35 -19.77 5.41
C SER B 294 -3.82 -19.59 5.83
N HIS B 295 -4.46 -20.67 6.28
CA HIS B 295 -5.92 -20.70 6.47
C HIS B 295 -6.39 -20.96 7.91
N HIS B 296 -5.48 -21.38 8.79
CA HIS B 296 -5.85 -21.78 10.16
C HIS B 296 -6.93 -20.86 10.74
N HIS B 297 -8.12 -21.42 10.97
CA HIS B 297 -9.31 -20.70 11.45
C HIS B 297 -9.86 -19.64 10.47
N HIS B 298 -9.81 -19.95 9.17
CA HIS B 298 -10.38 -19.14 8.07
C HIS B 298 -9.49 -18.00 7.54
N HIS B 299 -9.60 -17.76 6.23
CA HIS B 299 -9.04 -16.56 5.59
C HIS B 299 -9.60 -16.44 4.18
N LYS C 5 2.22 10.08 1.61
CA LYS C 5 0.88 10.42 1.05
C LYS C 5 0.02 9.18 0.81
N ILE C 6 0.65 8.06 0.49
CA ILE C 6 -0.07 6.83 0.17
C ILE C 6 -0.59 6.14 1.44
N THR C 7 0.27 6.00 2.44
CA THR C 7 -0.13 5.45 3.75
C THR C 7 -1.18 6.34 4.41
N GLN C 8 -1.05 7.65 4.23
CA GLN C 8 -2.04 8.63 4.67
C GLN C 8 -3.41 8.39 4.00
N ALA C 9 -3.39 8.22 2.68
CA ALA C 9 -4.60 8.15 1.87
C ALA C 9 -5.50 6.95 2.18
N ILE C 10 -4.89 5.81 2.49
CA ILE C 10 -5.66 4.59 2.78
C ILE C 10 -6.47 4.72 4.09
N LYS C 11 -5.90 5.37 5.09
CA LYS C 11 -6.60 5.63 6.35
C LYS C 11 -7.70 6.67 6.14
N GLU C 12 -7.46 7.62 5.23
CA GLU C 12 -8.47 8.59 4.81
C GLU C 12 -9.56 7.95 3.95
N CYS C 13 -9.22 6.87 3.27
CA CYS C 13 -10.14 6.16 2.37
C CYS C 13 -10.96 5.08 3.07
N LEU C 14 -10.32 3.95 3.36
CA LEU C 14 -11.03 2.79 3.89
C LEU C 14 -11.43 3.01 5.34
N SER C 15 -12.60 2.49 5.69
CA SER C 15 -13.16 2.63 7.00
C SER C 15 -13.89 1.35 7.35
N LYS C 16 -13.31 0.57 8.26
CA LYS C 16 -13.91 -0.68 8.70
C LYS C 16 -14.74 -0.45 9.96
N ASP C 17 -16.02 -0.77 9.88
CA ASP C 17 -16.95 -0.71 11.02
C ASP C 17 -16.78 0.55 11.88
N PRO C 18 -16.88 1.74 11.25
CA PRO C 18 -16.78 2.99 12.00
C PRO C 18 -18.02 3.18 12.88
N GLY C 19 -17.83 3.78 14.05
CA GLY C 19 -18.93 3.99 14.99
C GLY C 19 -19.43 2.74 15.68
N ALA C 20 -18.74 1.61 15.46
CA ALA C 20 -19.14 0.33 16.03
C ALA C 20 -18.68 0.21 17.47
N ILE C 21 -17.77 1.10 17.88
CA ILE C 21 -17.26 1.11 19.25
C ILE C 21 -17.36 2.52 19.86
N ASP C 22 -18.30 3.32 19.34
CA ASP C 22 -18.49 4.69 19.82
C ASP C 22 -19.30 4.76 21.12
N GLU C 23 -19.83 3.63 21.58
CA GLU C 23 -20.61 3.57 22.81
C GLU C 23 -19.99 2.54 23.75
N ASP C 24 -20.32 2.65 25.04
CA ASP C 24 -19.80 1.73 26.04
C ASP C 24 -20.28 0.31 25.75
N PRO C 25 -19.52 -0.72 26.20
CA PRO C 25 -20.02 -2.08 26.05
C PRO C 25 -21.12 -2.36 27.06
N PHE C 26 -22.03 -3.26 26.72
CA PHE C 26 -23.10 -3.62 27.63
C PHE C 26 -22.60 -4.66 28.63
N ILE C 27 -22.87 -4.42 29.90
CA ILE C 27 -22.39 -5.26 30.98
C ILE C 27 -23.54 -5.62 31.89
N ILE C 28 -23.50 -6.84 32.42
CA ILE C 28 -24.37 -7.23 33.52
C ILE C 28 -23.48 -7.85 34.59
N GLU C 29 -23.69 -7.43 35.84
CA GLU C 29 -23.08 -8.09 36.99
C GLU C 29 -24.15 -8.94 37.63
N LEU C 30 -23.90 -10.24 37.71
CA LEU C 30 -24.89 -11.20 38.19
C LEU C 30 -24.71 -11.50 39.68
N LYS D 5 -7.94 -6.12 -2.02
CA LYS D 5 -8.88 -5.00 -1.72
C LYS D 5 -8.16 -3.67 -1.50
N ILE D 6 -6.94 -3.73 -0.97
CA ILE D 6 -6.17 -2.53 -0.65
C ILE D 6 -5.56 -1.90 -1.91
N THR D 7 -4.93 -2.73 -2.73
CA THR D 7 -4.38 -2.28 -4.02
C THR D 7 -5.51 -1.77 -4.92
N GLN D 8 -6.67 -2.43 -4.86
CA GLN D 8 -7.88 -2.00 -5.56
C GLN D 8 -8.32 -0.60 -5.08
N ALA D 9 -8.36 -0.41 -3.77
CA ALA D 9 -8.92 0.80 -3.17
C ALA D 9 -8.16 2.08 -3.50
N ILE D 10 -6.83 1.99 -3.60
CA ILE D 10 -6.00 3.17 -3.89
C ILE D 10 -6.24 3.71 -5.31
N LYS D 11 -6.43 2.81 -6.27
CA LYS D 11 -6.75 3.21 -7.64
C LYS D 11 -8.16 3.79 -7.72
N GLU D 12 -9.07 3.26 -6.89
CA GLU D 12 -10.42 3.79 -6.75
C GLU D 12 -10.41 5.15 -6.02
N CYS D 13 -9.40 5.36 -5.17
CA CYS D 13 -9.29 6.58 -4.37
C CYS D 13 -8.54 7.70 -5.07
N LEU D 14 -7.22 7.57 -5.14
CA LEU D 14 -6.37 8.64 -5.66
C LEU D 14 -6.49 8.76 -7.18
N SER D 15 -6.45 10.00 -7.64
CA SER D 15 -6.61 10.30 -9.05
C SER D 15 -5.68 11.47 -9.39
N LYS D 16 -4.61 11.19 -10.11
CA LYS D 16 -3.65 12.21 -10.51
C LYS D 16 -3.99 12.72 -11.91
N ASP D 17 -4.24 14.03 -12.00
CA ASP D 17 -4.49 14.71 -13.28
C ASP D 17 -5.43 13.93 -14.22
N PRO D 18 -6.63 13.59 -13.73
CA PRO D 18 -7.59 12.89 -14.58
C PRO D 18 -8.13 13.83 -15.66
N GLY D 19 -8.41 13.29 -16.84
CA GLY D 19 -8.90 14.10 -17.96
C GLY D 19 -7.86 15.00 -18.58
N ALA D 20 -6.60 14.88 -18.14
CA ALA D 20 -5.52 15.72 -18.65
C ALA D 20 -5.01 15.19 -19.98
N ILE D 21 -5.38 13.95 -20.31
CA ILE D 21 -4.97 13.34 -21.58
C ILE D 21 -6.18 12.76 -22.31
N ASP D 22 -7.35 13.34 -22.05
CA ASP D 22 -8.59 12.89 -22.69
C ASP D 22 -8.77 13.46 -24.10
N GLU D 23 -7.89 14.36 -24.52
CA GLU D 23 -7.95 14.97 -25.85
C GLU D 23 -6.62 14.75 -26.58
N ASP D 24 -6.66 14.86 -27.91
CA ASP D 24 -5.45 14.67 -28.73
C ASP D 24 -4.42 15.74 -28.38
N PRO D 25 -3.12 15.45 -28.59
CA PRO D 25 -2.11 16.47 -28.38
C PRO D 25 -2.16 17.47 -29.51
N PHE D 26 -1.77 18.71 -29.24
CA PHE D 26 -1.72 19.73 -30.28
C PHE D 26 -0.43 19.61 -31.06
N ILE D 27 -0.56 19.63 -32.39
CA ILE D 27 0.56 19.43 -33.29
C ILE D 27 0.57 20.54 -34.33
N ILE D 28 1.76 20.96 -34.73
CA ILE D 28 1.93 21.78 -35.92
C ILE D 28 3.01 21.14 -36.75
N GLU D 29 2.76 21.02 -38.05
CA GLU D 29 3.78 20.63 -39.02
C GLU D 29 4.22 21.89 -39.75
N LEU D 30 5.51 22.20 -39.65
CA LEU D 30 6.06 23.45 -40.18
C LEU D 30 6.66 23.26 -41.57
O5 QRE E . -6.26 -5.48 9.70
C20 QRE E . -6.15 -5.28 8.47
O4 QRE E . -7.14 -4.96 7.77
C19 QRE E . -4.81 -5.49 7.82
C18 QRE E . -4.55 -6.77 7.34
C17 QRE E . -3.34 -7.09 6.71
C16 QRE E . -2.36 -6.10 6.59
C15 QRE E . -2.57 -4.81 7.06
C14 QRE E . -3.76 -4.44 7.67
C10 QRE E . -3.86 -3.03 8.15
C9 QRE E . -5.06 -2.29 7.65
C8 QRE E . -5.65 -2.57 6.42
C7 QRE E . -6.76 -1.85 5.99
C6 QRE E . -7.30 -0.83 6.77
O3 QRE E . -8.38 -0.14 6.31
C5 QRE E . -6.74 -0.49 8.00
C4 QRE E . -5.63 -1.18 8.48
O2 QRE E . -5.05 -0.88 9.69
C11 QRE E . -3.80 -3.02 9.65
C3 QRE E . -4.43 -1.88 10.38
C2 QRE E . -4.38 -1.88 11.78
C12 QRE E . -3.18 -4.03 10.38
C13 QRE E . -3.16 -3.97 11.78
C1 QRE E . -3.75 -2.91 12.45
O1 QRE E . -3.70 -2.89 13.81
N2 QRE E . -3.20 -8.38 6.30
C21 QRE E . -2.07 -8.95 5.86
S22 QRE E . -0.73 -8.18 5.66
N23 QRE E . -2.10 -10.24 5.56
O5 QRE F . 3.92 7.09 -9.92
C20 QRE F . 3.56 7.00 -8.72
O4 QRE F . 2.66 7.73 -8.24
C19 QRE F . 4.27 6.02 -7.84
C18 QRE F . 5.40 6.48 -7.19
C17 QRE F . 6.16 5.68 -6.34
C16 QRE F . 5.75 4.34 -6.14
C15 QRE F . 4.61 3.83 -6.76
C14 QRE F . 3.83 4.61 -7.61
C10 QRE F . 2.63 3.96 -8.26
C9 QRE F . 1.35 4.69 -8.04
C8 QRE F . 1.10 5.48 -6.91
C7 QRE F . -0.13 6.14 -6.76
C6 QRE F . -1.13 6.01 -7.72
O3 QRE F . -2.31 6.67 -7.52
C5 QRE F . -0.95 5.22 -8.85
C4 QRE F . 0.25 4.55 -9.04
O2 QRE F . 0.44 3.77 -10.16
C11 QRE F . 2.88 3.78 -9.72
C3 QRE F . 1.72 3.68 -10.64
C2 QRE F . 1.94 3.52 -12.00
C12 QRE F . 4.17 3.68 -10.26
C13 QRE F . 4.33 3.51 -11.63
C1 QRE F . 3.24 3.43 -12.48
O1 QRE F . 3.46 3.27 -13.81
N2 QRE F . 7.25 6.26 -5.78
C21 QRE F . 8.18 5.72 -4.98
S22 QRE F . 8.17 4.25 -4.48
N23 QRE F . 9.18 6.49 -4.57
#